data_5BNN
#
_entry.id   5BNN
#
_cell.length_a   325.600
_cell.length_b   347.100
_cell.length_c   356.400
_cell.angle_alpha   90.000
_cell.angle_beta   90.000
_cell.angle_gamma   90.000
#
_symmetry.space_group_name_H-M   'I 2 2 2'
#
loop_
_entity.id
_entity.type
_entity.pdbx_description
1 polymer 'Capsid protein VP1'
2 polymer 'Capsid protein VP2'
3 polymer 'Capsid protein VP3'
4 polymer 'Capsid protein VP4'
5 branched 'N-acetyl-alpha-neuraminic acid-(2-6)-beta-D-galactopyranose-(1-4)-beta-D-glucopyranose'
6 water water
#
loop_
_entity_poly.entity_id
_entity_poly.type
_entity_poly.pdbx_seq_one_letter_code
_entity_poly.pdbx_strand_id
1 'polypeptide(L)'
;VESIIKTATDTVKSEINAELGVVPSLNAVETGATSNTEPEEAIQTRTVINQHGVSETLVENFLGRAALVSKKSFEYKNHA
SSSAGTHKNFFKWTINTKSFVQLRRKLELFTYLRFDAEITILTTVAVNGNNDSTYMGLPDLTLQAMFVPTGALTPKEQDS
FHWQSGSNASVFFKISDPPARMTIPFMCINSAYSVFYDGFAGFEKNGLYGINPADTIGNLCVRIVNEHQPVGFTVTVRVY
MKPKHIKAWAPRPPRTMPYMSIANANYKGRDTAPNTLNAIIGNRASVTTMPHNIVTT
;
A
2 'polypeptide(L)'
;SPSAEACGYSDRVLQLKLGNSAIVTQEAANYCCAYGEWPNYLPDHEAVAIDKPTQPETSTDRFYTLRSVKWESNSTGWWW
KLPDALNNIGMFGQNVQYHYLYRSGFLIHVQCNATKFHQGALLVVAIPEHQRGAHDTTTSPGFNDIMKGERGGTFNHPYV
LDDGTSIACATIFPHQWINLRTNNSATIVLPWMNVAPMDFPLRHNQWTLAVIPVVPLGTRTMSSVVPITVSIAPMCCEFN
GLRHAITQ
;
B
3 'polypeptide(L)'
;GVPTYLLPGSGQFLTTDDHSSAPVLPCFNPTPEMHIPGQIRNMLEMIQVESMMEINNTDGANGMERLRVDISVQADLDQL
LFNIPLDIQLDGPLRNTLVGNISRYYTHWSGSLEMTFMFCGSFMATGKLILCYTPPGGSCPTTRETAMLGTHIVWDFGLQ
SSITLIIPWISGSHYRMFNSDAKSTNANVGYVTCFMQTNLIVPSESSDTCSLIGFIAAKDDFSLRLMRDSPDIGQSNHLH
GAEAAYQ
;
C
4 'polypeptide(L)' GAQVTRQQTGTHENANIATNGSHITYNQINFYKDSYAASASKQDFSQDPSKFTEPVVEGLKAGAPVLK D
#
loop_
_chem_comp.id
_chem_comp.type
_chem_comp.name
_chem_comp.formula
BGC D-saccharide, beta linking beta-D-glucopyranose 'C6 H12 O6'
GAL D-saccharide, beta linking beta-D-galactopyranose 'C6 H12 O6'
SIA D-saccharide, alpha linking 'N-acetyl-alpha-neuraminic acid' 'C11 H19 N O9'
#
# COMPACT_ATOMS: atom_id res chain seq x y z
N VAL A 1 -18.49 5.06 11.52
CA VAL A 1 -18.52 5.93 10.31
C VAL A 1 -18.78 5.08 9.06
N GLU A 2 -19.05 3.80 9.27
CA GLU A 2 -19.33 2.91 8.16
C GLU A 2 -20.68 3.28 7.56
N SER A 3 -20.75 3.31 6.23
CA SER A 3 -21.98 3.63 5.53
C SER A 3 -21.97 3.03 4.14
N ILE A 4 -23.13 3.02 3.50
CA ILE A 4 -23.24 2.47 2.17
C ILE A 4 -23.12 3.58 1.12
N ILE A 5 -22.08 3.48 0.30
CA ILE A 5 -21.83 4.45 -0.75
C ILE A 5 -22.03 3.82 -2.12
N LYS A 6 -22.99 4.34 -2.88
CA LYS A 6 -23.25 3.81 -4.22
C LYS A 6 -22.91 4.81 -5.33
N THR A 7 -22.76 6.08 -4.96
CA THR A 7 -22.40 7.11 -5.93
C THR A 7 -21.47 8.13 -5.28
N ALA A 8 -20.77 8.90 -6.10
CA ALA A 8 -19.87 9.93 -5.60
C ALA A 8 -20.75 10.95 -4.87
N THR A 9 -20.25 11.54 -3.79
CA THR A 9 -21.05 12.49 -3.03
C THR A 9 -21.46 13.75 -3.81
N ASP A 10 -22.62 14.28 -3.46
CA ASP A 10 -23.14 15.48 -4.11
C ASP A 10 -22.43 16.71 -3.57
N THR A 11 -22.63 17.83 -4.24
CA THR A 11 -22.03 19.08 -3.82
C THR A 11 -23.17 20.03 -3.47
N VAL A 12 -23.00 20.78 -2.39
CA VAL A 12 -24.02 21.73 -1.96
C VAL A 12 -23.52 23.13 -2.28
N LYS A 13 -24.42 24.02 -2.66
CA LYS A 13 -24.03 25.39 -2.98
C LYS A 13 -23.51 26.03 -1.70
N SER A 14 -22.53 26.91 -1.83
CA SER A 14 -21.98 27.60 -0.67
C SER A 14 -21.90 29.09 -0.94
N GLU A 15 -21.87 29.86 0.14
CA GLU A 15 -21.81 31.31 0.02
C GLU A 15 -20.53 31.91 0.58
N ILE A 16 -20.48 33.22 0.62
CA ILE A 16 -19.34 33.95 1.13
C ILE A 16 -19.09 33.64 2.61
N ASN A 17 -17.82 33.55 3.00
CA ASN A 17 -17.46 33.29 4.39
C ASN A 17 -16.51 34.35 4.90
N ALA A 18 -16.77 34.81 6.12
CA ALA A 18 -15.94 35.81 6.78
C ALA A 18 -16.16 35.59 8.26
N GLU A 19 -15.77 34.41 8.74
CA GLU A 19 -15.96 34.07 10.14
C GLU A 19 -14.67 33.97 10.95
N LEU A 20 -14.62 34.73 12.05
CA LEU A 20 -13.47 34.71 12.93
C LEU A 20 -13.47 33.39 13.69
N GLY A 21 -12.29 32.83 13.89
CA GLY A 21 -12.19 31.57 14.62
C GLY A 21 -12.50 30.35 13.78
N VAL A 22 -12.87 30.59 12.52
CA VAL A 22 -13.19 29.50 11.61
C VAL A 22 -12.22 29.55 10.42
N VAL A 23 -11.40 28.51 10.29
CA VAL A 23 -10.43 28.44 9.20
C VAL A 23 -10.38 27.01 8.64
N PRO A 24 -11.43 26.63 7.90
CA PRO A 24 -11.50 25.29 7.31
C PRO A 24 -10.34 24.89 6.39
N SER A 25 -9.69 25.86 5.76
CA SER A 25 -8.58 25.53 4.86
C SER A 25 -7.26 25.25 5.58
N LEU A 26 -7.19 25.56 6.87
CA LEU A 26 -5.98 25.29 7.63
C LEU A 26 -6.12 23.90 8.25
N ASN A 27 -5.01 23.17 8.29
CA ASN A 27 -5.01 21.81 8.83
C ASN A 27 -3.68 21.55 9.53
N ALA A 28 -3.56 20.37 10.14
CA ALA A 28 -2.34 19.96 10.82
C ALA A 28 -1.98 18.55 10.35
N VAL A 29 -1.15 18.49 9.32
CA VAL A 29 -0.71 17.22 8.75
C VAL A 29 -0.06 16.33 9.81
N GLU A 30 0.56 16.93 10.82
CA GLU A 30 1.22 16.17 11.87
C GLU A 30 0.33 15.17 12.61
N THR A 31 -0.98 15.43 12.65
CA THR A 31 -1.88 14.51 13.34
C THR A 31 -1.98 13.17 12.62
N GLY A 32 -1.60 13.15 11.35
CA GLY A 32 -1.67 11.92 10.59
C GLY A 32 -3.01 11.78 9.86
N ALA A 33 -3.93 12.71 10.11
CA ALA A 33 -5.23 12.69 9.45
C ALA A 33 -5.13 13.46 8.16
N THR A 34 -5.87 13.02 7.15
CA THR A 34 -5.88 13.71 5.86
C THR A 34 -6.74 14.95 6.00
N SER A 35 -6.39 16.00 5.27
CA SER A 35 -7.15 17.25 5.32
C SER A 35 -8.65 16.99 5.21
N ASN A 36 -9.45 17.71 5.98
CA ASN A 36 -10.89 17.53 5.92
C ASN A 36 -11.59 18.75 5.33
N THR A 37 -10.82 19.60 4.65
CA THR A 37 -11.38 20.78 4.01
C THR A 37 -12.30 20.33 2.88
N GLU A 38 -13.53 20.85 2.86
CA GLU A 38 -14.47 20.49 1.82
C GLU A 38 -14.48 21.55 0.73
N PRO A 39 -14.82 21.17 -0.51
CA PRO A 39 -14.85 22.12 -1.61
C PRO A 39 -15.72 23.33 -1.23
N GLU A 40 -16.87 23.06 -0.61
CA GLU A 40 -17.79 24.11 -0.19
C GLU A 40 -17.16 25.15 0.72
N GLU A 41 -16.08 24.78 1.41
CA GLU A 41 -15.41 25.70 2.33
C GLU A 41 -14.21 26.41 1.70
N ALA A 42 -13.70 25.86 0.60
CA ALA A 42 -12.54 26.44 -0.08
C ALA A 42 -12.94 27.48 -1.12
N ILE A 43 -14.06 27.25 -1.79
CA ILE A 43 -14.54 28.15 -2.82
C ILE A 43 -16.06 28.19 -2.73
N GLN A 44 -16.67 29.05 -3.54
CA GLN A 44 -18.12 29.10 -3.57
C GLN A 44 -18.53 28.06 -4.59
N THR A 45 -19.39 27.13 -4.17
CA THR A 45 -19.84 26.06 -5.03
C THR A 45 -21.32 26.18 -5.37
N ARG A 46 -21.73 25.40 -6.37
CA ARG A 46 -23.12 25.35 -6.77
C ARG A 46 -23.61 23.99 -6.27
N THR A 47 -24.89 23.70 -6.45
CA THR A 47 -25.42 22.41 -6.04
C THR A 47 -25.26 21.46 -7.22
N VAL A 48 -24.78 20.25 -6.95
CA VAL A 48 -24.60 19.25 -7.98
C VAL A 48 -25.06 17.89 -7.48
N ILE A 49 -26.06 17.31 -8.14
CA ILE A 49 -26.54 16.00 -7.75
C ILE A 49 -25.65 15.04 -8.53
N ASN A 50 -24.64 14.49 -7.87
CA ASN A 50 -23.70 13.59 -8.52
C ASN A 50 -24.21 12.16 -8.64
N GLN A 51 -24.35 11.69 -9.87
CA GLN A 51 -24.83 10.34 -10.14
C GLN A 51 -23.73 9.37 -10.53
N HIS A 52 -22.47 9.79 -10.48
CA HIS A 52 -21.38 8.92 -10.86
C HIS A 52 -21.28 7.70 -9.95
N GLY A 53 -21.25 6.53 -10.56
CA GLY A 53 -21.18 5.27 -9.81
C GLY A 53 -19.78 4.99 -9.26
N VAL A 54 -19.73 4.13 -8.26
CA VAL A 54 -18.47 3.77 -7.62
C VAL A 54 -18.24 2.27 -7.60
N SER A 55 -19.05 1.53 -8.37
CA SER A 55 -18.91 0.08 -8.37
C SER A 55 -17.70 -0.51 -9.06
N GLU A 56 -17.15 0.16 -10.07
CA GLU A 56 -16.00 -0.43 -10.74
C GLU A 56 -14.73 -0.44 -9.89
N THR A 57 -14.74 0.30 -8.78
CA THR A 57 -13.59 0.32 -7.89
C THR A 57 -13.78 -0.56 -6.65
N LEU A 58 -14.87 -1.32 -6.62
CA LEU A 58 -15.11 -2.25 -5.52
C LEU A 58 -13.93 -3.23 -5.54
N VAL A 59 -13.42 -3.60 -4.38
CA VAL A 59 -12.29 -4.52 -4.32
C VAL A 59 -12.59 -5.81 -5.10
N GLU A 60 -13.81 -6.32 -4.98
CA GLU A 60 -14.21 -7.53 -5.68
C GLU A 60 -13.94 -7.39 -7.17
N ASN A 61 -14.24 -6.22 -7.73
CA ASN A 61 -14.01 -6.03 -9.16
C ASN A 61 -12.56 -5.69 -9.47
N PHE A 62 -11.95 -4.86 -8.64
CA PHE A 62 -10.56 -4.47 -8.84
C PHE A 62 -9.65 -5.70 -8.96
N LEU A 63 -9.83 -6.66 -8.05
CA LEU A 63 -9.02 -7.88 -8.08
C LEU A 63 -9.71 -8.99 -8.85
N GLY A 64 -11.01 -8.81 -9.14
CA GLY A 64 -11.77 -9.81 -9.85
C GLY A 64 -11.47 -9.94 -11.33
N ARG A 65 -10.29 -10.46 -11.65
CA ARG A 65 -9.90 -10.65 -13.03
C ARG A 65 -8.98 -11.85 -13.17
N ALA A 66 -9.21 -12.65 -14.20
CA ALA A 66 -8.40 -13.83 -14.43
C ALA A 66 -7.06 -13.38 -15.00
N ALA A 67 -6.05 -13.33 -14.14
CA ALA A 67 -4.72 -12.90 -14.56
C ALA A 67 -3.80 -14.09 -14.78
N LEU A 68 -2.89 -13.95 -15.74
CA LEU A 68 -1.94 -15.01 -16.04
C LEU A 68 -1.00 -15.18 -14.84
N VAL A 69 -0.86 -16.41 -14.36
CA VAL A 69 0.03 -16.67 -13.23
C VAL A 69 1.10 -17.68 -13.57
N SER A 70 0.92 -18.40 -14.67
CA SER A 70 1.88 -19.41 -15.09
C SER A 70 1.83 -19.70 -16.59
N LYS A 71 3.00 -19.77 -17.20
CA LYS A 71 3.11 -20.07 -18.63
C LYS A 71 4.26 -21.04 -18.76
N LYS A 72 3.99 -22.23 -19.27
CA LYS A 72 5.04 -23.23 -19.40
C LYS A 72 5.01 -23.99 -20.71
N SER A 73 6.13 -23.94 -21.43
CA SER A 73 6.26 -24.65 -22.70
C SER A 73 7.19 -25.82 -22.50
N PHE A 74 6.83 -26.97 -23.07
CA PHE A 74 7.68 -28.14 -22.98
C PHE A 74 7.52 -28.96 -24.25
N GLU A 75 8.45 -29.88 -24.49
CA GLU A 75 8.38 -30.72 -25.68
C GLU A 75 7.65 -32.01 -25.41
N TYR A 76 6.68 -32.32 -26.27
CA TYR A 76 5.91 -33.54 -26.17
C TYR A 76 6.48 -34.43 -27.26
N LYS A 77 7.22 -35.46 -26.84
CA LYS A 77 7.87 -36.36 -27.80
C LYS A 77 8.45 -37.57 -27.05
N ASN A 78 9.21 -38.37 -27.79
CA ASN A 78 9.87 -39.54 -27.22
C ASN A 78 11.12 -38.99 -26.52
N HIS A 79 11.16 -39.06 -25.20
CA HIS A 79 12.29 -38.53 -24.45
C HIS A 79 13.31 -39.60 -24.07
N ALA A 80 13.52 -40.57 -24.96
CA ALA A 80 14.49 -41.63 -24.71
C ALA A 80 15.82 -41.02 -24.28
N SER A 81 16.26 -40.00 -25.02
CA SER A 81 17.51 -39.32 -24.72
C SER A 81 17.32 -38.29 -23.60
N THR A 86 15.02 -31.29 -18.06
CA THR A 86 14.03 -31.30 -19.14
C THR A 86 12.68 -31.84 -18.67
N HIS A 87 11.62 -31.24 -19.17
CA HIS A 87 10.26 -31.66 -18.83
C HIS A 87 9.81 -32.73 -19.81
N LYS A 88 9.92 -33.98 -19.37
CA LYS A 88 9.57 -35.12 -20.19
C LYS A 88 8.08 -35.42 -20.29
N ASN A 89 7.39 -34.63 -21.11
CA ASN A 89 5.97 -34.79 -21.34
C ASN A 89 5.09 -34.45 -20.13
N PHE A 90 5.66 -33.74 -19.17
CA PHE A 90 4.90 -33.31 -18.00
C PHE A 90 5.75 -32.34 -17.21
N PHE A 91 5.14 -31.61 -16.29
CA PHE A 91 5.86 -30.67 -15.46
C PHE A 91 5.10 -30.46 -14.17
N LYS A 92 5.80 -29.92 -13.17
CA LYS A 92 5.24 -29.64 -11.87
C LYS A 92 5.44 -28.16 -11.60
N TRP A 93 4.40 -27.48 -11.12
CA TRP A 93 4.54 -26.06 -10.83
C TRP A 93 4.05 -25.70 -9.44
N THR A 94 4.94 -25.13 -8.64
CA THR A 94 4.55 -24.71 -7.30
C THR A 94 3.78 -23.40 -7.48
N ILE A 95 2.48 -23.44 -7.28
CA ILE A 95 1.64 -22.26 -7.45
C ILE A 95 2.13 -21.05 -6.68
N ASN A 96 2.12 -19.90 -7.34
CA ASN A 96 2.54 -18.65 -6.71
C ASN A 96 2.00 -17.52 -7.55
N THR A 97 1.77 -16.38 -6.93
CA THR A 97 1.25 -15.21 -7.62
C THR A 97 2.30 -14.13 -7.70
N LYS A 98 3.56 -14.55 -7.70
CA LYS A 98 4.69 -13.61 -7.72
C LYS A 98 5.50 -13.56 -9.03
N SER A 99 5.18 -14.43 -9.97
CA SER A 99 5.93 -14.49 -11.24
C SER A 99 5.55 -13.48 -12.32
N PHE A 100 4.28 -13.11 -12.39
CA PHE A 100 3.85 -12.14 -13.39
C PHE A 100 3.53 -10.83 -12.68
N VAL A 101 4.27 -9.80 -13.05
CA VAL A 101 4.17 -8.50 -12.39
C VAL A 101 2.83 -7.77 -12.31
N GLN A 102 1.98 -7.85 -13.32
CA GLN A 102 0.71 -7.14 -13.23
C GLN A 102 -0.13 -7.65 -12.06
N LEU A 103 -0.33 -8.96 -11.96
CA LEU A 103 -1.12 -9.50 -10.87
C LEU A 103 -0.42 -9.26 -9.54
N ARG A 104 0.88 -9.53 -9.52
CA ARG A 104 1.65 -9.36 -8.30
C ARG A 104 1.49 -7.98 -7.68
N ARG A 105 1.69 -6.94 -8.50
CA ARG A 105 1.59 -5.57 -8.00
C ARG A 105 0.21 -5.24 -7.42
N LYS A 106 -0.85 -5.71 -8.06
CA LYS A 106 -2.19 -5.42 -7.54
C LYS A 106 -2.42 -6.12 -6.22
N LEU A 107 -2.05 -7.39 -6.13
CA LEU A 107 -2.24 -8.12 -4.88
C LEU A 107 -1.44 -7.45 -3.78
N GLU A 108 -0.25 -6.96 -4.12
CA GLU A 108 0.61 -6.31 -3.14
C GLU A 108 0.18 -4.90 -2.73
N LEU A 109 -1.01 -4.49 -3.16
CA LEU A 109 -1.54 -3.20 -2.76
C LEU A 109 -2.24 -3.43 -1.42
N PHE A 110 -2.27 -4.70 -0.99
CA PHE A 110 -2.93 -5.08 0.25
C PHE A 110 -2.00 -5.90 1.13
N THR A 111 -2.24 -5.86 2.44
CA THR A 111 -1.42 -6.63 3.37
C THR A 111 -1.96 -8.04 3.52
N TYR A 112 -3.26 -8.15 3.73
CA TYR A 112 -3.92 -9.45 3.88
C TYR A 112 -5.06 -9.59 2.89
N LEU A 113 -5.27 -10.81 2.39
CA LEU A 113 -6.32 -11.07 1.43
C LEU A 113 -6.96 -12.42 1.68
N ARG A 114 -8.28 -12.48 1.60
CA ARG A 114 -9.02 -13.72 1.77
C ARG A 114 -9.85 -13.86 0.50
N PHE A 115 -9.65 -14.95 -0.22
CA PHE A 115 -10.41 -15.16 -1.45
C PHE A 115 -10.36 -16.59 -1.95
N ASP A 116 -11.35 -16.94 -2.76
CA ASP A 116 -11.40 -18.27 -3.37
C ASP A 116 -10.73 -18.04 -4.73
N ALA A 117 -10.06 -19.04 -5.25
CA ALA A 117 -9.36 -18.86 -6.53
C ALA A 117 -9.89 -19.70 -7.68
N GLU A 118 -10.42 -19.02 -8.69
CA GLU A 118 -10.92 -19.69 -9.87
C GLU A 118 -9.71 -19.90 -10.79
N ILE A 119 -9.42 -21.15 -11.11
CA ILE A 119 -8.30 -21.50 -11.96
C ILE A 119 -8.77 -21.89 -13.37
N THR A 120 -8.15 -21.29 -14.39
CA THR A 120 -8.48 -21.58 -15.78
C THR A 120 -7.19 -22.00 -16.47
N ILE A 121 -7.22 -23.15 -17.16
CA ILE A 121 -6.04 -23.67 -17.84
C ILE A 121 -6.21 -23.71 -19.35
N LEU A 122 -5.37 -22.94 -20.04
CA LEU A 122 -5.39 -22.86 -21.50
C LEU A 122 -4.21 -23.60 -22.11
N THR A 123 -4.47 -24.47 -23.07
CA THR A 123 -3.41 -25.26 -23.69
C THR A 123 -3.25 -25.00 -25.19
N THR A 124 -2.01 -24.87 -25.61
CA THR A 124 -1.68 -24.60 -26.99
C THR A 124 -0.63 -25.58 -27.54
N VAL A 125 -0.71 -25.88 -28.83
CA VAL A 125 0.23 -26.81 -29.46
C VAL A 125 0.80 -26.32 -30.79
N ALA A 126 2.03 -26.73 -31.08
CA ALA A 126 2.70 -26.39 -32.32
C ALA A 126 3.62 -27.54 -32.72
N VAL A 127 3.60 -27.89 -34.00
CA VAL A 127 4.43 -28.96 -34.50
C VAL A 127 5.88 -28.49 -34.63
N ASN A 128 6.82 -29.39 -34.42
CA ASN A 128 8.23 -29.05 -34.53
C ASN A 128 8.72 -29.34 -35.96
N TYR A 135 4.63 -30.12 -41.73
CA TYR A 135 3.34 -29.96 -41.06
C TYR A 135 2.34 -31.02 -41.52
N MET A 136 1.67 -31.67 -40.56
CA MET A 136 0.68 -32.68 -40.88
C MET A 136 -0.54 -32.60 -39.96
N GLY A 137 -0.67 -31.49 -39.24
CA GLY A 137 -1.81 -31.30 -38.35
C GLY A 137 -1.49 -31.29 -36.86
N LEU A 138 -2.39 -30.67 -36.08
CA LEU A 138 -2.22 -30.57 -34.63
C LEU A 138 -3.08 -31.60 -33.89
N PRO A 139 -2.44 -32.48 -33.10
CA PRO A 139 -3.16 -33.51 -32.35
C PRO A 139 -4.03 -32.92 -31.23
N ASP A 140 -5.20 -33.52 -31.04
CA ASP A 140 -6.11 -33.07 -29.99
C ASP A 140 -5.80 -33.95 -28.77
N LEU A 141 -4.77 -33.54 -28.03
CA LEU A 141 -4.31 -34.28 -26.86
C LEU A 141 -5.15 -34.13 -25.61
N THR A 142 -5.03 -35.11 -24.73
CA THR A 142 -5.72 -35.09 -23.45
C THR A 142 -4.66 -34.81 -22.40
N LEU A 143 -4.93 -33.84 -21.53
CA LEU A 143 -3.98 -33.50 -20.48
C LEU A 143 -4.60 -33.77 -19.13
N GLN A 144 -3.75 -33.94 -18.13
CA GLN A 144 -4.21 -34.16 -16.76
C GLN A 144 -3.49 -33.17 -15.87
N ALA A 145 -4.26 -32.40 -15.11
CA ALA A 145 -3.71 -31.43 -14.16
C ALA A 145 -4.12 -31.94 -12.79
N MET A 146 -3.14 -32.38 -12.01
CA MET A 146 -3.42 -32.92 -10.68
C MET A 146 -2.95 -31.95 -9.59
N PHE A 147 -3.86 -31.63 -8.68
CA PHE A 147 -3.54 -30.74 -7.58
C PHE A 147 -2.85 -31.56 -6.49
N VAL A 148 -1.64 -31.13 -6.12
CA VAL A 148 -0.87 -31.81 -5.07
C VAL A 148 -0.48 -30.77 -4.03
N PRO A 149 -0.92 -30.95 -2.78
CA PRO A 149 -0.61 -30.01 -1.70
C PRO A 149 0.85 -29.58 -1.66
N THR A 150 1.09 -28.35 -1.23
CA THR A 150 2.44 -27.80 -1.15
C THR A 150 3.34 -28.70 -0.30
N GLY A 151 4.46 -29.10 -0.89
CA GLY A 151 5.41 -29.98 -0.20
C GLY A 151 5.10 -31.46 -0.36
N ALA A 152 3.89 -31.77 -0.81
CA ALA A 152 3.45 -33.16 -0.98
C ALA A 152 4.12 -33.89 -2.16
N LEU A 153 3.88 -35.20 -2.23
CA LEU A 153 4.46 -36.07 -3.25
C LEU A 153 3.96 -35.88 -4.68
N THR A 154 4.87 -35.46 -5.56
CA THR A 154 4.52 -35.23 -6.96
C THR A 154 5.10 -36.33 -7.86
N PRO A 155 4.44 -36.62 -9.00
CA PRO A 155 4.94 -37.65 -9.91
C PRO A 155 6.27 -37.27 -10.54
N LYS A 156 7.10 -38.28 -10.85
CA LYS A 156 8.40 -38.03 -11.45
C LYS A 156 8.52 -38.47 -12.90
N GLU A 157 7.47 -39.09 -13.43
CA GLU A 157 7.47 -39.53 -14.82
C GLU A 157 6.07 -39.38 -15.40
N GLN A 158 5.99 -39.26 -16.72
CA GLN A 158 4.71 -39.11 -17.39
C GLN A 158 3.80 -40.32 -17.13
N ASP A 159 4.41 -41.51 -17.10
CA ASP A 159 3.68 -42.75 -16.88
C ASP A 159 3.72 -43.26 -15.45
N SER A 160 4.06 -42.40 -14.51
CA SER A 160 4.13 -42.81 -13.11
C SER A 160 2.77 -43.28 -12.62
N PHE A 161 2.76 -44.22 -11.68
CA PHE A 161 1.53 -44.75 -11.12
C PHE A 161 0.92 -43.71 -10.19
N HIS A 162 1.71 -42.69 -9.86
CA HIS A 162 1.24 -41.63 -8.97
C HIS A 162 0.09 -40.84 -9.60
N TRP A 163 -0.04 -40.91 -10.91
CA TRP A 163 -1.11 -40.19 -11.59
C TRP A 163 -2.47 -40.82 -11.35
N GLN A 164 -2.52 -41.96 -10.65
CA GLN A 164 -3.80 -42.61 -10.39
C GLN A 164 -4.71 -41.70 -9.57
N SER A 165 -4.12 -40.66 -8.98
CA SER A 165 -4.85 -39.65 -8.24
C SER A 165 -6.05 -40.20 -7.46
N GLY A 166 -5.80 -41.06 -6.48
CA GLY A 166 -6.88 -41.63 -5.70
C GLY A 166 -7.60 -40.64 -4.80
N SER A 167 -6.89 -39.63 -4.32
CA SER A 167 -7.48 -38.64 -3.44
C SER A 167 -7.23 -37.22 -3.94
N ASN A 168 -6.07 -36.99 -4.54
CA ASN A 168 -5.75 -35.68 -5.10
C ASN A 168 -6.80 -35.39 -6.15
N ALA A 169 -7.13 -34.13 -6.34
CA ALA A 169 -8.09 -33.77 -7.36
C ALA A 169 -7.34 -33.69 -8.69
N SER A 170 -7.90 -34.31 -9.73
CA SER A 170 -7.30 -34.24 -11.06
C SER A 170 -8.36 -33.82 -12.04
N VAL A 171 -7.97 -33.04 -13.04
CA VAL A 171 -8.92 -32.63 -14.05
C VAL A 171 -8.31 -33.06 -15.39
N PHE A 172 -9.11 -33.80 -16.17
CA PHE A 172 -8.66 -34.26 -17.48
C PHE A 172 -9.36 -33.41 -18.52
N PHE A 173 -8.60 -32.86 -19.45
CA PHE A 173 -9.19 -32.01 -20.49
C PHE A 173 -8.48 -32.15 -21.83
N LYS A 174 -9.23 -31.85 -22.89
CA LYS A 174 -8.69 -31.94 -24.25
C LYS A 174 -8.33 -30.54 -24.74
N ILE A 175 -7.39 -30.49 -25.67
CA ILE A 175 -6.98 -29.22 -26.22
C ILE A 175 -8.13 -28.61 -27.04
N SER A 176 -8.99 -29.46 -27.58
CA SER A 176 -10.12 -28.99 -28.38
C SER A 176 -11.30 -28.51 -27.53
N ASP A 177 -11.25 -28.74 -26.22
CA ASP A 177 -12.32 -28.28 -25.35
C ASP A 177 -12.00 -26.86 -24.90
N PRO A 178 -12.96 -26.18 -24.28
CA PRO A 178 -12.69 -24.81 -23.81
C PRO A 178 -11.66 -24.97 -22.69
N PRO A 179 -10.97 -23.89 -22.31
CA PRO A 179 -9.98 -24.03 -21.24
C PRO A 179 -10.62 -24.69 -20.03
N ALA A 180 -9.88 -25.54 -19.33
CA ALA A 180 -10.42 -26.19 -18.14
C ALA A 180 -10.57 -25.14 -17.04
N ARG A 181 -11.52 -25.34 -16.14
CA ARG A 181 -11.74 -24.38 -15.07
C ARG A 181 -12.29 -25.03 -13.81
N MET A 182 -11.81 -24.56 -12.66
CA MET A 182 -12.25 -25.07 -11.37
C MET A 182 -11.91 -24.05 -10.31
N THR A 183 -12.56 -24.13 -9.15
CA THR A 183 -12.29 -23.18 -8.08
C THR A 183 -11.60 -23.83 -6.89
N ILE A 184 -10.47 -23.23 -6.48
CA ILE A 184 -9.75 -23.70 -5.32
C ILE A 184 -10.26 -22.77 -4.22
N PRO A 185 -10.83 -23.33 -3.14
CA PRO A 185 -11.34 -22.47 -2.07
C PRO A 185 -10.24 -21.74 -1.34
N PHE A 186 -10.63 -20.81 -0.48
CA PHE A 186 -9.68 -20.09 0.34
C PHE A 186 -9.20 -21.23 1.24
N MET A 187 -7.97 -21.69 1.06
CA MET A 187 -7.48 -22.83 1.83
C MET A 187 -6.40 -22.59 2.86
N CYS A 188 -6.15 -21.32 3.17
CA CYS A 188 -5.12 -20.99 4.15
C CYS A 188 -5.44 -21.54 5.54
N ILE A 189 -4.42 -21.84 6.34
CA ILE A 189 -4.63 -22.33 7.70
C ILE A 189 -4.97 -21.15 8.59
N ASN A 190 -4.90 -19.93 8.05
CA ASN A 190 -5.25 -18.73 8.79
C ASN A 190 -6.52 -18.12 8.21
N SER A 191 -6.99 -17.03 8.82
CA SER A 191 -8.22 -16.39 8.35
C SER A 191 -8.04 -15.61 7.06
N ALA A 192 -6.79 -15.43 6.64
CA ALA A 192 -6.47 -14.71 5.41
C ALA A 192 -5.06 -15.00 4.96
N TYR A 193 -4.78 -14.79 3.68
CA TYR A 193 -3.44 -15.00 3.14
C TYR A 193 -2.61 -13.78 3.51
N SER A 194 -1.32 -13.98 3.74
CA SER A 194 -0.42 -12.87 4.06
C SER A 194 0.25 -12.52 2.75
N VAL A 195 -0.10 -11.37 2.18
CA VAL A 195 0.52 -10.97 0.92
C VAL A 195 1.98 -10.66 1.23
N PHE A 196 2.23 -10.18 2.44
CA PHE A 196 3.56 -9.86 2.91
C PHE A 196 3.74 -10.54 4.26
N TYR A 197 4.94 -11.01 4.54
CA TYR A 197 5.21 -11.72 5.79
C TYR A 197 6.56 -11.30 6.36
N ASP A 198 6.53 -10.48 7.41
CA ASP A 198 7.77 -10.02 8.02
C ASP A 198 8.24 -11.04 9.05
N GLY A 199 8.72 -12.18 8.57
CA GLY A 199 9.20 -13.21 9.47
C GLY A 199 9.86 -14.39 8.79
N PHE A 200 10.22 -15.40 9.58
CA PHE A 200 10.84 -16.62 9.10
C PHE A 200 9.94 -17.77 9.53
N ALA A 201 9.41 -18.52 8.56
CA ALA A 201 8.50 -19.61 8.88
C ALA A 201 9.14 -20.91 9.39
N GLY A 202 10.20 -20.77 10.18
CA GLY A 202 10.86 -21.95 10.72
C GLY A 202 11.33 -21.67 12.14
N PHE A 203 11.49 -22.73 12.94
CA PHE A 203 11.93 -22.54 14.30
C PHE A 203 13.43 -22.30 14.42
N GLU A 204 14.18 -22.57 13.37
CA GLU A 204 15.61 -22.31 13.39
C GLU A 204 15.84 -20.94 12.72
N LYS A 205 17.09 -20.52 12.58
CA LYS A 205 17.38 -19.21 11.99
C LYS A 205 17.81 -19.22 10.52
N ASN A 206 17.87 -20.40 9.92
CA ASN A 206 18.33 -20.49 8.53
C ASN A 206 17.23 -20.55 7.48
N GLY A 207 15.97 -20.37 7.88
CA GLY A 207 14.89 -20.41 6.92
C GLY A 207 14.84 -19.21 5.99
N LEU A 208 13.95 -19.26 5.00
CA LEU A 208 13.81 -18.15 4.06
C LEU A 208 12.94 -17.06 4.66
N TYR A 209 13.40 -15.81 4.52
CA TYR A 209 12.69 -14.66 5.03
C TYR A 209 11.53 -14.27 4.12
N GLY A 210 10.41 -13.90 4.72
CA GLY A 210 9.25 -13.47 3.95
C GLY A 210 8.44 -14.54 3.26
N ILE A 211 8.80 -15.79 3.46
CA ILE A 211 8.08 -16.89 2.84
C ILE A 211 7.33 -17.72 3.87
N ASN A 212 6.02 -17.59 3.89
CA ASN A 212 5.19 -18.36 4.80
C ASN A 212 4.44 -19.39 3.95
N PRO A 213 4.89 -20.66 3.97
CA PRO A 213 4.27 -21.73 3.17
C PRO A 213 2.75 -21.79 3.33
N ALA A 214 2.25 -21.25 4.44
CA ALA A 214 0.81 -21.23 4.69
C ALA A 214 0.12 -20.46 3.56
N ASP A 215 0.88 -19.63 2.86
CA ASP A 215 0.32 -18.84 1.77
C ASP A 215 0.60 -19.43 0.39
N THR A 216 1.05 -20.67 0.36
CA THR A 216 1.32 -21.32 -0.93
C THR A 216 0.19 -22.31 -1.18
N ILE A 217 -0.74 -21.91 -2.05
CA ILE A 217 -1.90 -22.71 -2.39
C ILE A 217 -1.56 -24.17 -2.66
N GLY A 218 -0.52 -24.43 -3.45
CA GLY A 218 -0.14 -25.81 -3.73
C GLY A 218 0.61 -26.05 -5.04
N ASN A 219 0.68 -27.32 -5.42
CA ASN A 219 1.36 -27.73 -6.66
C ASN A 219 0.39 -28.14 -7.75
N LEU A 220 0.75 -27.83 -8.98
CA LEU A 220 -0.07 -28.19 -10.12
C LEU A 220 0.80 -29.09 -11.00
N CYS A 221 0.48 -30.38 -11.03
CA CYS A 221 1.22 -31.33 -11.83
C CYS A 221 0.46 -31.60 -13.12
N VAL A 222 1.06 -31.20 -14.23
CA VAL A 222 0.42 -31.34 -15.52
C VAL A 222 1.19 -32.24 -16.48
N ARG A 223 0.49 -33.20 -17.07
CA ARG A 223 1.12 -34.09 -18.03
C ARG A 223 0.21 -34.29 -19.22
N ILE A 224 0.80 -34.79 -20.30
CA ILE A 224 0.04 -35.12 -21.46
C ILE A 224 -0.26 -36.60 -21.20
N VAL A 225 -1.52 -36.99 -21.32
CA VAL A 225 -1.89 -38.38 -21.06
C VAL A 225 -1.50 -39.29 -22.22
N ASN A 226 -1.65 -38.80 -23.44
CA ASN A 226 -1.30 -39.57 -24.63
C ASN A 226 0.18 -39.96 -24.61
N GLU A 227 0.48 -41.13 -25.16
CA GLU A 227 1.87 -41.57 -25.26
C GLU A 227 2.43 -40.68 -26.36
N HIS A 228 3.75 -40.60 -26.46
CA HIS A 228 4.35 -39.75 -27.49
C HIS A 228 3.97 -40.18 -28.90
N GLN A 229 3.99 -39.22 -29.82
CA GLN A 229 3.69 -39.49 -31.22
C GLN A 229 5.03 -39.72 -31.93
N PRO A 230 5.01 -40.10 -33.22
CA PRO A 230 6.27 -40.33 -33.94
C PRO A 230 7.08 -39.06 -34.14
N VAL A 231 6.43 -37.91 -33.99
CA VAL A 231 7.11 -36.62 -34.13
C VAL A 231 6.92 -35.79 -32.87
N GLY A 232 7.73 -34.75 -32.73
CA GLY A 232 7.65 -33.92 -31.55
C GLY A 232 6.81 -32.66 -31.68
N PHE A 233 6.27 -32.22 -30.56
CA PHE A 233 5.45 -31.01 -30.53
C PHE A 233 5.86 -30.16 -29.36
N THR A 234 5.54 -28.88 -29.44
CA THR A 234 5.82 -27.97 -28.35
C THR A 234 4.43 -27.70 -27.78
N VAL A 235 4.27 -27.97 -26.49
CA VAL A 235 2.99 -27.76 -25.84
C VAL A 235 3.17 -26.67 -24.78
N THR A 236 2.29 -25.70 -24.78
CA THR A 236 2.37 -24.62 -23.80
C THR A 236 1.11 -24.60 -22.97
N VAL A 237 1.29 -24.57 -21.66
CA VAL A 237 0.16 -24.53 -20.75
C VAL A 237 0.18 -23.21 -20.01
N ARG A 238 -0.94 -22.49 -20.07
CA ARG A 238 -1.07 -21.22 -19.38
C ARG A 238 -2.13 -21.35 -18.32
N VAL A 239 -1.80 -20.90 -17.11
CA VAL A 239 -2.74 -20.97 -16.01
C VAL A 239 -3.12 -19.56 -15.59
N TYR A 240 -4.42 -19.33 -15.41
CA TYR A 240 -4.92 -18.03 -15.01
C TYR A 240 -5.63 -18.17 -13.67
N MET A 241 -5.55 -17.13 -12.87
CA MET A 241 -6.21 -17.14 -11.58
C MET A 241 -7.07 -15.91 -11.37
N LYS A 242 -8.30 -16.12 -10.93
CA LYS A 242 -9.17 -15.01 -10.64
C LYS A 242 -9.68 -15.13 -9.22
N PRO A 243 -9.25 -14.22 -8.35
CA PRO A 243 -9.73 -14.28 -6.97
C PRO A 243 -11.18 -13.77 -6.89
N LYS A 244 -12.00 -14.40 -6.05
CA LYS A 244 -13.39 -13.97 -5.90
C LYS A 244 -13.82 -14.12 -4.44
N HIS A 245 -14.95 -13.52 -4.08
CA HIS A 245 -15.44 -13.56 -2.70
C HIS A 245 -14.29 -12.98 -1.86
N ILE A 246 -13.78 -11.85 -2.34
CA ILE A 246 -12.63 -11.19 -1.72
C ILE A 246 -12.90 -10.27 -0.54
N LYS A 247 -11.96 -10.33 0.41
CA LYS A 247 -11.94 -9.49 1.59
C LYS A 247 -10.48 -9.02 1.65
N ALA A 248 -10.26 -7.71 1.79
CA ALA A 248 -8.92 -7.16 1.83
C ALA A 248 -8.68 -6.25 3.02
N TRP A 249 -7.44 -6.23 3.50
CA TRP A 249 -7.07 -5.42 4.66
C TRP A 249 -5.75 -4.68 4.52
N ALA A 250 -5.71 -3.49 5.11
CA ALA A 250 -4.51 -2.65 5.13
C ALA A 250 -3.82 -2.38 3.81
N PRO A 251 -4.32 -1.41 3.02
CA PRO A 251 -3.71 -1.08 1.73
C PRO A 251 -2.27 -0.65 1.92
N ARG A 252 -1.44 -0.82 0.90
CA ARG A 252 -0.01 -0.52 0.97
C ARG A 252 0.53 0.35 -0.16
N PRO A 253 1.74 0.89 0.02
CA PRO A 253 2.37 1.72 -1.01
C PRO A 253 2.62 0.85 -2.23
N PRO A 254 2.21 1.31 -3.42
CA PRO A 254 2.42 0.52 -4.65
C PRO A 254 3.91 0.29 -4.96
N ARG A 255 4.20 -0.83 -5.61
CA ARG A 255 5.58 -1.15 -5.99
C ARG A 255 6.02 -0.13 -7.05
N THR A 256 7.25 0.37 -6.95
CA THR A 256 7.76 1.33 -7.94
C THR A 256 8.97 0.77 -8.65
N MET A 257 9.88 0.16 -7.90
CA MET A 257 11.09 -0.43 -8.47
C MET A 257 10.72 -1.73 -9.17
N PRO A 258 11.37 -2.03 -10.31
CA PRO A 258 11.08 -3.28 -11.01
C PRO A 258 11.32 -4.47 -10.08
N TYR A 259 10.56 -5.53 -10.25
CA TYR A 259 10.74 -6.72 -9.42
C TYR A 259 12.02 -7.45 -9.85
N MET A 260 12.69 -8.08 -8.90
CA MET A 260 13.92 -8.81 -9.20
C MET A 260 13.76 -10.31 -9.02
N SER A 261 13.00 -10.71 -8.01
CA SER A 261 12.81 -12.12 -7.71
C SER A 261 11.40 -12.42 -7.22
N ILE A 262 10.97 -13.67 -7.37
CA ILE A 262 9.62 -14.04 -6.91
C ILE A 262 9.69 -14.38 -5.43
N ALA A 263 10.91 -14.56 -4.93
CA ALA A 263 11.12 -14.93 -3.53
C ALA A 263 11.26 -13.77 -2.55
N ASN A 264 11.34 -12.54 -3.05
CA ASN A 264 11.49 -11.41 -2.14
C ASN A 264 11.16 -10.06 -2.78
N ALA A 265 11.30 -9.01 -1.99
CA ALA A 265 11.00 -7.66 -2.45
C ALA A 265 12.27 -6.92 -2.84
N ASN A 266 13.35 -7.64 -3.07
CA ASN A 266 14.62 -7.01 -3.44
C ASN A 266 14.42 -6.02 -4.58
N TYR A 267 15.19 -4.94 -4.55
CA TYR A 267 15.05 -3.89 -5.56
C TYR A 267 16.39 -3.37 -6.07
N LYS A 268 16.36 -2.78 -7.26
CA LYS A 268 17.55 -2.24 -7.90
C LYS A 268 17.20 -0.94 -8.61
N GLY A 269 16.04 -0.92 -9.25
CA GLY A 269 15.60 0.26 -9.98
C GLY A 269 16.06 0.20 -11.43
N ARG A 270 15.42 0.97 -12.29
CA ARG A 270 15.81 1.02 -13.69
C ARG A 270 17.10 1.81 -13.83
N ASP A 271 17.78 1.67 -14.97
CA ASP A 271 19.05 2.37 -15.19
C ASP A 271 18.90 3.88 -15.14
N THR A 272 17.78 4.39 -15.65
CA THR A 272 17.50 5.82 -15.63
C THR A 272 16.04 6.06 -15.32
N ALA A 273 15.73 7.23 -14.76
CA ALA A 273 14.35 7.57 -14.43
C ALA A 273 13.53 7.40 -15.70
N PRO A 274 12.23 7.09 -15.57
CA PRO A 274 11.51 6.88 -14.32
C PRO A 274 11.79 5.55 -13.62
N ASN A 275 11.38 5.48 -12.36
CA ASN A 275 11.52 4.27 -11.56
C ASN A 275 12.95 3.78 -11.36
N THR A 276 13.85 4.73 -11.12
CA THR A 276 15.23 4.40 -10.83
C THR A 276 15.30 4.62 -9.32
N LEU A 277 16.15 3.87 -8.63
CA LEU A 277 16.27 3.96 -7.17
C LEU A 277 16.48 5.38 -6.68
N ASN A 278 17.10 6.17 -7.54
CA ASN A 278 17.46 7.54 -7.26
C ASN A 278 16.33 8.55 -7.57
N ALA A 279 15.42 8.16 -8.47
CA ALA A 279 14.33 9.04 -8.88
C ALA A 279 13.19 8.23 -9.48
N ILE A 280 12.06 8.22 -8.79
CA ILE A 280 10.90 7.48 -9.26
C ILE A 280 10.21 8.20 -10.42
N ILE A 281 10.05 9.51 -10.29
CA ILE A 281 9.41 10.30 -11.33
C ILE A 281 10.45 10.83 -12.33
N GLY A 282 10.09 10.88 -13.60
CA GLY A 282 11.01 11.39 -14.61
C GLY A 282 11.30 12.85 -14.31
N ASN A 283 12.49 13.32 -14.68
CA ASN A 283 12.88 14.71 -14.43
C ASN A 283 12.28 15.74 -15.38
N ARG A 284 12.22 16.98 -14.90
CA ARG A 284 11.80 18.13 -15.67
C ARG A 284 12.95 19.11 -15.42
N ALA A 285 13.09 20.12 -16.27
CA ALA A 285 14.19 21.06 -16.13
C ALA A 285 14.32 21.75 -14.77
N SER A 286 13.19 22.11 -14.16
CA SER A 286 13.21 22.78 -12.85
C SER A 286 11.82 22.78 -12.25
N VAL A 287 11.70 23.21 -11.00
CA VAL A 287 10.40 23.23 -10.34
C VAL A 287 9.48 24.34 -10.85
N THR A 288 9.96 25.13 -11.81
CA THR A 288 9.12 26.19 -12.38
C THR A 288 8.91 25.92 -13.86
N THR A 289 9.37 24.75 -14.31
CA THR A 289 9.20 24.34 -15.70
C THR A 289 7.93 23.51 -15.80
N MET A 290 6.99 23.95 -16.61
CA MET A 290 5.72 23.25 -16.78
C MET A 290 5.78 22.30 -17.95
N PRO A 291 5.78 20.98 -17.68
CA PRO A 291 5.83 20.01 -18.78
C PRO A 291 4.53 20.07 -19.57
N HIS A 292 4.60 19.85 -20.88
CA HIS A 292 3.41 19.86 -21.72
C HIS A 292 2.67 21.18 -21.64
N ASN A 293 3.40 22.26 -21.39
CA ASN A 293 2.80 23.57 -21.29
C ASN A 293 2.13 23.91 -22.62
N ILE A 294 0.94 24.52 -22.56
CA ILE A 294 0.22 24.89 -23.77
C ILE A 294 0.86 26.12 -24.41
N VAL A 295 1.32 25.97 -25.64
CA VAL A 295 1.95 27.06 -26.37
C VAL A 295 0.94 27.80 -27.25
N SER B 10 -5.31 21.77 24.31
CA SER B 10 -6.38 20.76 24.59
C SER B 10 -6.07 19.45 23.87
N ASP B 11 -5.65 19.54 22.62
CA ASP B 11 -5.28 18.33 21.89
C ASP B 11 -3.78 18.42 21.63
N ARG B 12 -3.13 19.32 22.37
CA ARG B 12 -1.69 19.53 22.29
C ARG B 12 -0.99 18.96 23.53
N VAL B 13 -1.74 18.75 24.60
CA VAL B 13 -1.16 18.17 25.80
C VAL B 13 -1.77 16.79 25.96
N LEU B 14 -0.99 15.86 26.50
CA LEU B 14 -1.45 14.49 26.65
C LEU B 14 -0.67 13.72 27.70
N GLN B 15 -1.36 12.89 28.46
CA GLN B 15 -0.72 12.04 29.44
C GLN B 15 -1.16 10.60 29.18
N LEU B 16 -0.18 9.71 29.12
CA LEU B 16 -0.44 8.29 28.88
C LEU B 16 0.02 7.58 30.15
N LYS B 17 -0.86 6.76 30.71
CA LYS B 17 -0.53 6.04 31.93
C LYS B 17 -0.91 4.57 31.82
N LEU B 18 0.09 3.71 31.98
CA LEU B 18 -0.11 2.27 31.93
C LEU B 18 0.79 1.62 32.97
N GLY B 19 0.21 0.78 33.82
CA GLY B 19 1.00 0.13 34.85
C GLY B 19 1.66 1.16 35.74
N ASN B 20 2.95 0.99 36.02
CA ASN B 20 3.68 1.91 36.87
C ASN B 20 4.38 3.00 36.06
N SER B 21 3.96 3.20 34.82
CA SER B 21 4.60 4.18 33.96
C SER B 21 3.65 5.24 33.43
N ALA B 22 4.16 6.45 33.26
CA ALA B 22 3.37 7.55 32.74
C ALA B 22 4.24 8.48 31.90
N ILE B 23 3.63 9.06 30.88
CA ILE B 23 4.33 9.97 29.99
C ILE B 23 3.43 11.16 29.68
N VAL B 24 4.01 12.35 29.66
CA VAL B 24 3.24 13.54 29.32
C VAL B 24 3.97 14.26 28.20
N THR B 25 3.23 15.01 27.42
CA THR B 25 3.80 15.81 26.35
C THR B 25 2.96 17.07 26.35
N GLN B 26 3.61 18.21 26.12
CA GLN B 26 2.89 19.47 26.09
C GLN B 26 2.79 20.00 24.67
N GLU B 27 3.29 19.21 23.72
CA GLU B 27 3.23 19.59 22.31
C GLU B 27 2.95 18.36 21.46
N ALA B 28 1.75 17.83 21.61
CA ALA B 28 1.32 16.67 20.84
C ALA B 28 0.53 17.16 19.63
N ALA B 29 0.10 16.22 18.81
CA ALA B 29 -0.70 16.54 17.64
C ALA B 29 -1.84 15.51 17.67
N ASN B 30 -2.69 15.60 18.70
CA ASN B 30 -3.78 14.64 18.86
C ASN B 30 -3.02 13.31 18.97
N TYR B 31 -3.64 12.21 18.56
CA TYR B 31 -2.94 10.94 18.52
C TYR B 31 -3.69 9.95 17.65
N CYS B 32 -2.94 9.03 17.07
CA CYS B 32 -3.49 8.06 16.14
C CYS B 32 -3.86 6.70 16.71
N CYS B 33 -5.03 6.21 16.30
CA CYS B 33 -5.52 4.90 16.69
C CYS B 33 -5.51 4.15 15.36
N ALA B 34 -4.53 3.29 15.16
CA ALA B 34 -4.40 2.54 13.91
C ALA B 34 -5.73 2.00 13.41
N TYR B 35 -6.08 2.35 12.18
CA TYR B 35 -7.31 1.89 11.56
C TYR B 35 -8.55 2.12 12.42
N GLY B 36 -8.46 3.13 13.30
CA GLY B 36 -9.58 3.45 14.16
C GLY B 36 -9.92 2.39 15.19
N GLU B 37 -8.97 1.52 15.50
CA GLU B 37 -9.23 0.46 16.47
C GLU B 37 -8.50 0.68 17.79
N TRP B 38 -8.82 -0.17 18.77
CA TRP B 38 -8.19 -0.09 20.07
C TRP B 38 -7.89 -1.53 20.51
N PRO B 39 -6.78 -1.74 21.23
CA PRO B 39 -6.40 -3.09 21.68
C PRO B 39 -7.47 -3.75 22.55
N ASN B 40 -7.51 -5.08 22.52
CA ASN B 40 -8.47 -5.82 23.34
C ASN B 40 -7.98 -7.25 23.49
N TYR B 41 -8.46 -7.93 24.54
CA TYR B 41 -8.07 -9.31 24.77
C TYR B 41 -8.79 -10.20 23.77
N LEU B 42 -8.22 -11.38 23.54
CA LEU B 42 -8.76 -12.35 22.61
C LEU B 42 -10.10 -12.93 23.08
N PRO B 43 -11.18 -12.67 22.33
CA PRO B 43 -12.50 -13.18 22.72
C PRO B 43 -12.61 -14.69 22.47
N ASP B 44 -13.49 -15.35 23.25
CA ASP B 44 -13.68 -16.78 23.12
C ASP B 44 -14.09 -17.23 21.72
N HIS B 45 -14.80 -16.37 20.98
CA HIS B 45 -15.23 -16.76 19.65
C HIS B 45 -14.18 -16.59 18.55
N GLU B 46 -12.96 -16.23 18.94
CA GLU B 46 -11.87 -16.09 17.98
C GLU B 46 -10.65 -16.89 18.42
N ALA B 47 -10.73 -17.44 19.63
CA ALA B 47 -9.62 -18.20 20.20
C ALA B 47 -9.34 -19.54 19.52
N VAL B 48 -8.09 -19.97 19.59
CA VAL B 48 -7.67 -21.24 18.98
C VAL B 48 -6.98 -22.10 20.03
N ALA B 49 -5.93 -21.58 20.66
CA ALA B 49 -5.20 -22.31 21.68
C ALA B 49 -6.14 -22.51 22.87
N ILE B 50 -6.32 -23.76 23.30
CA ILE B 50 -7.26 -24.02 24.38
C ILE B 50 -6.77 -23.94 25.82
N ASP B 51 -5.47 -23.77 26.03
CA ASP B 51 -4.98 -23.67 27.40
C ASP B 51 -5.33 -22.30 27.97
N LYS B 52 -5.59 -22.23 29.26
CA LYS B 52 -5.93 -20.97 29.91
C LYS B 52 -4.73 -20.05 29.78
N PRO B 53 -4.93 -18.87 29.19
CA PRO B 53 -3.84 -17.91 29.01
C PRO B 53 -3.47 -17.16 30.28
N THR B 54 -2.28 -16.58 30.29
CA THR B 54 -1.86 -15.78 31.41
C THR B 54 -1.96 -14.35 30.92
N GLN B 55 -2.53 -13.47 31.74
CA GLN B 55 -2.68 -12.07 31.38
C GLN B 55 -2.04 -11.29 32.53
N PRO B 56 -0.72 -11.06 32.43
CA PRO B 56 0.12 -10.35 33.41
C PRO B 56 -0.29 -8.92 33.73
N GLU B 57 -1.02 -8.29 32.81
CA GLU B 57 -1.46 -6.92 32.99
C GLU B 57 -0.31 -5.93 33.22
N THR B 58 -0.26 -5.33 34.41
CA THR B 58 0.75 -4.32 34.72
C THR B 58 2.23 -4.67 34.58
N SER B 59 2.59 -5.94 34.75
CA SER B 59 4.01 -6.28 34.64
C SER B 59 4.49 -6.23 33.19
N THR B 60 3.57 -6.28 32.24
CA THR B 60 3.93 -6.26 30.83
C THR B 60 3.33 -5.07 30.08
N ASP B 61 2.13 -4.68 30.46
CA ASP B 61 1.46 -3.57 29.80
C ASP B 61 1.89 -2.28 30.43
N ARG B 62 3.10 -1.85 30.06
CA ARG B 62 3.72 -0.64 30.60
C ARG B 62 4.70 -0.12 29.57
N PHE B 63 5.15 1.12 29.74
CA PHE B 63 6.10 1.71 28.79
C PHE B 63 7.53 1.22 28.96
N TYR B 64 8.12 0.82 27.84
CA TYR B 64 9.52 0.39 27.83
C TYR B 64 10.23 1.39 26.95
N THR B 65 11.23 2.06 27.49
CA THR B 65 11.97 3.05 26.70
C THR B 65 13.25 2.43 26.15
N LEU B 66 13.39 2.47 24.84
CA LEU B 66 14.58 1.92 24.18
C LEU B 66 15.69 2.95 24.16
N ARG B 67 16.90 2.51 23.83
CA ARG B 67 18.03 3.42 23.74
C ARG B 67 17.71 4.46 22.67
N SER B 68 18.15 5.68 22.89
CA SER B 68 17.88 6.75 21.93
C SER B 68 18.81 6.68 20.73
N VAL B 69 18.48 7.43 19.70
CA VAL B 69 19.31 7.53 18.50
C VAL B 69 19.53 9.02 18.28
N LYS B 70 20.59 9.37 17.58
CA LYS B 70 20.89 10.76 17.32
C LYS B 70 20.45 11.17 15.91
N TRP B 71 19.66 12.23 15.83
CA TRP B 71 19.20 12.75 14.55
C TRP B 71 20.31 13.61 13.98
N GLU B 72 20.90 13.17 12.88
CA GLU B 72 21.97 13.92 12.26
C GLU B 72 21.56 14.48 10.91
N SER B 73 22.29 15.50 10.46
CA SER B 73 22.00 16.16 9.19
C SER B 73 21.92 15.20 8.00
N ASN B 74 22.60 14.08 8.09
CA ASN B 74 22.60 13.12 6.99
C ASN B 74 21.91 11.78 7.31
N SER B 75 21.14 11.74 8.40
CA SER B 75 20.44 10.52 8.78
C SER B 75 19.44 10.07 7.71
N THR B 76 19.29 8.76 7.57
CA THR B 76 18.37 8.20 6.58
C THR B 76 17.09 7.68 7.22
N GLY B 77 17.11 7.46 8.53
CA GLY B 77 15.91 6.94 9.18
C GLY B 77 16.20 5.73 10.04
N TRP B 78 15.28 5.42 10.94
CA TRP B 78 15.44 4.29 11.85
C TRP B 78 14.19 3.42 11.88
N TRP B 79 14.34 2.17 12.31
CA TRP B 79 13.20 1.28 12.43
C TRP B 79 13.38 0.29 13.56
N TRP B 80 12.26 -0.13 14.14
CA TRP B 80 12.23 -1.09 15.23
C TRP B 80 11.08 -2.04 14.94
N LYS B 81 11.34 -3.34 15.01
CA LYS B 81 10.29 -4.31 14.76
C LYS B 81 9.67 -4.83 16.05
N LEU B 82 8.36 -5.03 16.03
CA LEU B 82 7.63 -5.52 17.20
C LEU B 82 7.05 -6.90 16.91
N PRO B 83 7.12 -7.80 17.90
CA PRO B 83 7.67 -7.62 19.24
C PRO B 83 9.18 -7.78 19.43
N ASP B 84 9.91 -8.06 18.35
CA ASP B 84 11.35 -8.26 18.46
C ASP B 84 12.10 -7.26 19.34
N ALA B 85 11.87 -5.97 19.13
CA ALA B 85 12.54 -4.93 19.89
C ALA B 85 12.38 -5.07 21.40
N LEU B 86 11.29 -5.74 21.82
CA LEU B 86 11.01 -5.90 23.25
C LEU B 86 11.11 -7.33 23.75
N ASN B 87 11.42 -8.28 22.88
CA ASN B 87 11.47 -9.67 23.31
C ASN B 87 12.48 -10.02 24.39
N ASN B 88 13.34 -9.09 24.76
CA ASN B 88 14.32 -9.36 25.78
C ASN B 88 14.33 -8.26 26.84
N ILE B 89 13.21 -7.56 26.96
CA ILE B 89 13.07 -6.46 27.92
C ILE B 89 12.00 -6.72 28.99
N GLY B 90 12.41 -6.56 30.25
CA GLY B 90 11.49 -6.73 31.37
C GLY B 90 10.67 -8.01 31.43
N MET B 91 9.53 -7.92 32.10
CA MET B 91 8.64 -9.08 32.23
C MET B 91 7.98 -9.44 30.90
N PHE B 92 7.85 -8.46 30.01
CA PHE B 92 7.26 -8.76 28.70
C PHE B 92 8.22 -9.75 28.05
N GLY B 93 9.51 -9.44 28.12
CA GLY B 93 10.52 -10.31 27.54
C GLY B 93 10.50 -11.70 28.14
N GLN B 94 10.36 -11.79 29.47
CA GLN B 94 10.33 -13.09 30.13
C GLN B 94 9.15 -13.93 29.66
N ASN B 95 7.96 -13.34 29.65
CA ASN B 95 6.77 -14.07 29.21
C ASN B 95 6.94 -14.54 27.78
N VAL B 96 7.51 -13.69 26.94
CA VAL B 96 7.75 -14.03 25.54
C VAL B 96 8.70 -15.23 25.43
N GLN B 97 9.71 -15.29 26.30
CA GLN B 97 10.68 -16.38 26.27
C GLN B 97 10.18 -17.70 26.84
N TYR B 98 9.25 -17.64 27.79
CA TYR B 98 8.71 -18.83 28.43
C TYR B 98 7.45 -19.37 27.76
N HIS B 99 6.90 -18.60 26.84
CA HIS B 99 5.67 -19.00 26.15
C HIS B 99 5.85 -19.10 24.65
N TYR B 100 5.24 -20.14 24.07
CA TYR B 100 5.30 -20.35 22.64
C TYR B 100 4.44 -19.31 21.92
N LEU B 101 3.31 -18.93 22.53
CA LEU B 101 2.41 -17.97 21.91
C LEU B 101 2.20 -16.65 22.66
N TYR B 102 2.08 -15.56 21.90
CA TYR B 102 1.85 -14.26 22.50
C TYR B 102 0.84 -13.47 21.67
N ARG B 103 0.31 -12.42 22.26
CA ARG B 103 -0.65 -11.56 21.61
C ARG B 103 -0.70 -10.23 22.36
N SER B 104 -0.74 -9.13 21.63
CA SER B 104 -0.83 -7.83 22.28
C SER B 104 -0.91 -6.68 21.30
N GLY B 105 -1.35 -5.53 21.81
CA GLY B 105 -1.41 -4.34 21.01
C GLY B 105 -0.20 -3.55 21.47
N PHE B 106 -0.05 -2.32 21.00
CA PHE B 106 1.10 -1.50 21.40
C PHE B 106 0.74 -0.03 21.42
N LEU B 107 1.24 0.69 22.42
CA LEU B 107 1.03 2.12 22.49
C LEU B 107 2.42 2.68 22.23
N ILE B 108 2.58 3.35 21.10
CA ILE B 108 3.87 3.90 20.70
C ILE B 108 3.96 5.41 20.90
N HIS B 109 5.07 5.84 21.50
CA HIS B 109 5.29 7.26 21.74
C HIS B 109 6.72 7.63 21.34
N VAL B 110 6.85 8.36 20.23
CA VAL B 110 8.16 8.77 19.75
C VAL B 110 8.40 10.20 20.22
N GLN B 111 9.59 10.46 20.75
CA GLN B 111 9.90 11.77 21.30
C GLN B 111 11.11 12.44 20.66
N CYS B 112 10.96 13.73 20.37
CA CYS B 112 12.03 14.50 19.79
C CYS B 112 11.74 15.99 19.95
N ASN B 113 12.56 16.66 20.75
CA ASN B 113 12.39 18.09 20.96
C ASN B 113 13.64 18.80 20.49
N ALA B 114 13.51 20.08 20.16
CA ALA B 114 14.66 20.84 19.70
C ALA B 114 14.54 22.29 20.16
N THR B 115 14.56 23.21 19.22
CA THR B 115 14.50 24.63 19.53
C THR B 115 13.58 25.34 18.54
N LYS B 116 13.10 26.52 18.89
CA LYS B 116 12.24 27.28 18.00
C LYS B 116 13.03 27.82 16.80
N PHE B 117 14.33 27.50 16.78
CA PHE B 117 15.21 27.90 15.69
C PHE B 117 15.63 26.68 14.86
N HIS B 118 15.12 25.51 15.25
CA HIS B 118 15.42 24.27 14.52
C HIS B 118 14.27 23.93 13.59
N GLN B 119 14.58 23.20 12.53
CA GLN B 119 13.56 22.75 11.60
C GLN B 119 13.87 21.31 11.25
N GLY B 120 12.84 20.57 10.86
CA GLY B 120 13.01 19.17 10.52
C GLY B 120 11.66 18.51 10.62
N ALA B 121 11.46 17.46 9.83
CA ALA B 121 10.19 16.76 9.89
C ALA B 121 10.43 15.25 9.80
N LEU B 122 9.90 14.54 10.78
CA LEU B 122 10.03 13.08 10.83
C LEU B 122 8.69 12.43 10.56
N LEU B 123 8.70 11.43 9.68
CA LEU B 123 7.50 10.67 9.41
C LEU B 123 7.58 9.54 10.43
N VAL B 124 6.57 9.40 11.28
CA VAL B 124 6.54 8.35 12.28
C VAL B 124 5.40 7.43 11.84
N VAL B 125 5.75 6.30 11.24
CA VAL B 125 4.74 5.38 10.72
C VAL B 125 4.84 3.95 11.23
N ALA B 126 3.69 3.35 11.50
CA ALA B 126 3.64 1.96 11.96
C ALA B 126 3.24 1.12 10.76
N ILE B 127 4.17 0.32 10.26
CA ILE B 127 3.94 -0.51 9.09
C ILE B 127 3.62 -1.96 9.44
N PRO B 128 2.46 -2.46 9.00
CA PRO B 128 2.13 -3.85 9.32
C PRO B 128 2.85 -4.77 8.31
N GLU B 129 3.40 -5.87 8.81
CA GLU B 129 4.11 -6.82 7.95
C GLU B 129 5.10 -6.11 7.05
N HIS B 130 6.03 -5.34 7.61
CA HIS B 130 6.99 -4.69 6.75
C HIS B 130 8.11 -5.64 6.37
N GLN B 131 7.90 -6.34 5.26
CA GLN B 131 8.87 -7.30 4.77
C GLN B 131 9.95 -6.57 3.97
N ARG B 132 11.14 -6.47 4.56
CA ARG B 132 12.24 -5.77 3.90
C ARG B 132 12.77 -6.48 2.67
N GLY B 133 13.34 -5.67 1.78
CA GLY B 133 13.93 -6.21 0.57
C GLY B 133 15.40 -5.84 0.63
N ALA B 134 16.24 -6.59 -0.06
CA ALA B 134 17.67 -6.30 -0.08
C ALA B 134 17.93 -5.49 -1.35
N HIS B 135 18.98 -4.69 -1.33
CA HIS B 135 19.32 -3.86 -2.48
C HIS B 135 20.33 -4.47 -3.45
N ASP B 136 20.00 -4.37 -4.73
CA ASP B 136 20.86 -4.83 -5.82
C ASP B 136 21.44 -6.23 -5.68
N THR B 137 20.56 -7.20 -5.45
CA THR B 137 20.94 -8.60 -5.30
C THR B 137 19.66 -9.42 -5.31
N THR B 138 19.76 -10.71 -5.67
CA THR B 138 18.58 -11.56 -5.68
C THR B 138 18.48 -12.34 -4.37
N THR B 139 19.53 -12.27 -3.56
CA THR B 139 19.56 -12.97 -2.28
C THR B 139 18.68 -12.28 -1.24
N SER B 140 17.76 -13.03 -0.64
CA SER B 140 16.85 -12.49 0.36
C SER B 140 17.59 -12.09 1.63
N PRO B 141 17.06 -11.09 2.36
CA PRO B 141 17.67 -10.61 3.60
C PRO B 141 17.85 -11.76 4.59
N GLY B 142 18.95 -11.74 5.34
CA GLY B 142 19.21 -12.78 6.31
C GLY B 142 18.63 -12.48 7.68
N PHE B 143 18.66 -13.47 8.56
CA PHE B 143 18.13 -13.33 9.91
C PHE B 143 18.68 -12.10 10.64
N ASN B 144 20.00 -11.93 10.60
CA ASN B 144 20.61 -10.79 11.28
C ASN B 144 20.33 -9.45 10.61
N ASP B 145 19.82 -9.47 9.39
CA ASP B 145 19.49 -8.23 8.69
C ASP B 145 18.13 -7.76 9.18
N ILE B 146 17.33 -8.70 9.67
CA ILE B 146 15.98 -8.41 10.11
C ILE B 146 15.79 -8.27 11.62
N MET B 147 16.35 -9.23 12.37
CA MET B 147 16.21 -9.22 13.83
C MET B 147 17.31 -8.40 14.51
N LYS B 148 17.01 -7.14 14.76
CA LYS B 148 17.95 -6.21 15.38
C LYS B 148 17.70 -6.03 16.87
N GLY B 149 16.52 -6.41 17.33
CA GLY B 149 16.20 -6.26 18.73
C GLY B 149 16.02 -4.82 19.17
N GLU B 150 16.30 -4.59 20.45
CA GLU B 150 16.18 -3.28 21.09
C GLU B 150 16.89 -2.14 20.35
N ARG B 151 18.01 -2.45 19.70
CA ARG B 151 18.78 -1.44 18.98
C ARG B 151 18.08 -0.92 17.74
N GLY B 152 17.27 -1.78 17.11
CA GLY B 152 16.57 -1.38 15.91
C GLY B 152 17.56 -1.32 14.76
N GLY B 153 17.11 -0.90 13.59
CA GLY B 153 18.00 -0.80 12.45
C GLY B 153 17.88 0.57 11.81
N THR B 154 18.48 0.72 10.64
CA THR B 154 18.40 1.98 9.91
C THR B 154 18.02 1.69 8.47
N PHE B 155 17.45 2.70 7.79
CA PHE B 155 17.05 2.55 6.41
C PHE B 155 18.23 2.74 5.46
N ASN B 156 18.28 1.93 4.41
CA ASN B 156 19.35 2.05 3.44
C ASN B 156 18.88 3.00 2.35
N HIS B 157 17.61 2.82 1.95
CA HIS B 157 16.99 3.63 0.91
C HIS B 157 15.57 3.98 1.35
N PRO B 158 15.44 4.88 2.34
CA PRO B 158 14.13 5.29 2.85
C PRO B 158 13.18 5.73 1.74
N TYR B 159 13.73 6.30 0.68
CA TYR B 159 12.94 6.77 -0.46
C TYR B 159 11.98 5.68 -0.95
N VAL B 160 12.41 4.42 -0.89
CA VAL B 160 11.55 3.32 -1.33
C VAL B 160 11.23 2.37 -0.17
N LEU B 161 11.29 2.89 1.05
CA LEU B 161 11.02 2.12 2.27
C LEU B 161 11.78 0.80 2.35
N ASP B 162 12.94 0.75 1.73
CA ASP B 162 13.75 -0.46 1.73
C ASP B 162 12.97 -1.69 1.29
N ASP B 163 11.91 -1.50 0.49
CA ASP B 163 11.14 -2.63 0.01
C ASP B 163 10.68 -2.47 -1.43
N GLY B 164 11.30 -1.53 -2.14
CA GLY B 164 10.94 -1.32 -3.53
C GLY B 164 9.64 -0.57 -3.79
N THR B 165 9.02 -0.03 -2.75
CA THR B 165 7.78 0.72 -2.94
C THR B 165 8.08 2.21 -2.84
N SER B 166 7.57 2.90 -1.83
CA SER B 166 7.88 4.33 -1.68
C SER B 166 7.47 4.89 -0.34
N ILE B 167 8.21 5.88 0.14
CA ILE B 167 7.86 6.49 1.41
C ILE B 167 6.74 7.50 1.15
N ALA B 168 6.68 8.02 -0.09
CA ALA B 168 5.66 8.99 -0.45
C ALA B 168 4.24 8.48 -0.18
N CYS B 169 4.02 7.19 -0.39
CA CYS B 169 2.69 6.61 -0.17
C CYS B 169 2.60 5.87 1.17
N ALA B 170 3.62 5.99 2.01
CA ALA B 170 3.62 5.31 3.30
C ALA B 170 2.55 5.86 4.23
N THR B 171 2.01 7.02 3.88
CA THR B 171 0.96 7.64 4.70
C THR B 171 -0.31 6.79 4.67
N ILE B 172 -0.34 5.75 3.84
CA ILE B 172 -1.49 4.87 3.78
C ILE B 172 -1.52 4.04 5.06
N PHE B 173 -0.40 4.00 5.77
CA PHE B 173 -0.28 3.26 7.02
C PHE B 173 -0.51 4.20 8.21
N PRO B 174 -0.85 3.65 9.39
CA PRO B 174 -1.08 4.46 10.59
C PRO B 174 0.17 5.31 10.84
N HIS B 175 0.01 6.62 11.01
CA HIS B 175 1.17 7.47 11.22
C HIS B 175 0.85 8.85 11.78
N GLN B 176 1.92 9.59 12.05
CA GLN B 176 1.86 10.96 12.53
C GLN B 176 3.18 11.54 12.06
N TRP B 177 3.38 12.84 12.29
CA TRP B 177 4.64 13.46 11.94
C TRP B 177 5.13 14.24 13.14
N ILE B 178 6.43 14.49 13.18
CA ILE B 178 6.99 15.33 14.21
C ILE B 178 7.68 16.40 13.40
N ASN B 179 7.00 17.54 13.29
CA ASN B 179 7.49 18.70 12.56
C ASN B 179 7.92 19.61 13.71
N LEU B 180 9.23 19.79 13.86
CA LEU B 180 9.79 20.57 14.96
C LEU B 180 9.13 21.91 15.33
N ARG B 181 8.66 22.67 14.35
CA ARG B 181 8.02 23.93 14.66
C ARG B 181 6.63 23.73 15.24
N THR B 182 6.08 22.53 15.08
CA THR B 182 4.73 22.24 15.56
C THR B 182 4.62 21.39 16.82
N ASN B 183 5.23 20.21 16.81
CA ASN B 183 5.14 19.31 17.95
C ASN B 183 6.46 18.64 18.29
N ASN B 184 6.51 18.00 19.45
CA ASN B 184 7.74 17.32 19.86
C ASN B 184 7.51 15.83 20.14
N SER B 185 6.35 15.31 19.78
CA SER B 185 6.08 13.90 19.98
C SER B 185 4.96 13.38 19.08
N ALA B 186 4.98 12.07 18.88
CA ALA B 186 3.97 11.40 18.05
C ALA B 186 3.50 10.20 18.85
N THR B 187 2.21 9.93 18.79
CA THR B 187 1.63 8.81 19.53
C THR B 187 0.74 7.98 18.64
N ILE B 188 0.96 6.67 18.64
CA ILE B 188 0.16 5.75 17.82
C ILE B 188 -0.25 4.54 18.65
N VAL B 189 -1.55 4.26 18.67
CA VAL B 189 -2.06 3.11 19.39
C VAL B 189 -2.25 1.99 18.36
N LEU B 190 -1.61 0.85 18.59
CA LEU B 190 -1.68 -0.27 17.66
C LEU B 190 -2.44 -1.45 18.23
N PRO B 191 -3.42 -1.97 17.48
CA PRO B 191 -4.19 -3.13 17.94
C PRO B 191 -3.44 -4.36 17.43
N TRP B 192 -3.84 -5.54 17.88
CA TRP B 192 -3.22 -6.76 17.40
C TRP B 192 -3.48 -6.77 15.89
N MET B 193 -2.43 -7.03 15.11
CA MET B 193 -2.55 -7.03 13.65
C MET B 193 -1.93 -8.32 13.11
N ASN B 194 -2.77 -9.27 12.72
CA ASN B 194 -2.26 -10.55 12.22
C ASN B 194 -3.42 -11.31 11.61
N VAL B 195 -3.12 -12.40 10.91
CA VAL B 195 -4.17 -13.22 10.31
C VAL B 195 -4.51 -14.35 11.25
N ALA B 196 -3.75 -14.46 12.34
CA ALA B 196 -3.96 -15.49 13.35
C ALA B 196 -4.26 -14.80 14.68
N PRO B 197 -5.01 -15.47 15.56
CA PRO B 197 -5.34 -14.87 16.86
C PRO B 197 -4.13 -14.68 17.77
N MET B 198 -3.09 -15.50 17.59
CA MET B 198 -1.88 -15.39 18.39
C MET B 198 -0.72 -15.81 17.50
N ASP B 199 0.52 -15.63 17.97
CA ASP B 199 1.68 -16.00 17.17
C ASP B 199 2.92 -16.30 18.02
N PHE B 200 3.94 -16.86 17.39
CA PHE B 200 5.21 -17.19 18.02
C PHE B 200 6.03 -15.90 17.89
N PRO B 201 6.24 -15.18 19.00
CA PRO B 201 6.98 -13.92 19.04
C PRO B 201 8.42 -13.84 18.53
N LEU B 202 9.13 -14.96 18.51
CA LEU B 202 10.53 -14.94 18.09
C LEU B 202 10.81 -15.08 16.59
N ARG B 203 9.79 -15.31 15.78
CA ARG B 203 10.02 -15.48 14.35
C ARG B 203 9.17 -14.62 13.43
N HIS B 204 8.26 -13.84 14.00
CA HIS B 204 7.39 -13.02 13.18
C HIS B 204 7.10 -11.68 13.86
N ASN B 205 7.23 -10.59 13.10
CA ASN B 205 6.96 -9.28 13.65
C ASN B 205 5.71 -8.68 13.01
N GLN B 206 4.69 -8.43 13.83
CA GLN B 206 3.43 -7.87 13.36
C GLN B 206 3.62 -6.45 12.83
N TRP B 207 4.30 -5.61 13.61
CA TRP B 207 4.50 -4.22 13.25
C TRP B 207 5.94 -3.78 13.19
N THR B 208 6.17 -2.74 12.40
CA THR B 208 7.48 -2.15 12.29
C THR B 208 7.31 -0.65 12.48
N LEU B 209 7.99 -0.11 13.47
CA LEU B 209 7.93 1.32 13.73
C LEU B 209 9.04 1.96 12.91
N ALA B 210 8.68 2.86 12.01
CA ALA B 210 9.66 3.54 11.18
C ALA B 210 9.63 5.04 11.46
N VAL B 211 10.80 5.61 11.68
CA VAL B 211 10.95 7.04 11.94
C VAL B 211 11.92 7.54 10.88
N ILE B 212 11.40 8.31 9.93
CA ILE B 212 12.23 8.79 8.83
C ILE B 212 12.21 10.30 8.64
N PRO B 213 13.39 10.92 8.58
CA PRO B 213 13.48 12.37 8.39
C PRO B 213 13.27 12.75 6.92
N VAL B 214 12.04 13.11 6.57
CA VAL B 214 11.73 13.51 5.20
C VAL B 214 12.30 14.89 4.97
N VAL B 215 12.30 15.72 6.01
CA VAL B 215 12.87 17.06 5.93
C VAL B 215 14.01 17.02 6.96
N PRO B 216 15.27 17.14 6.51
CA PRO B 216 16.43 17.10 7.40
C PRO B 216 16.48 18.14 8.50
N LEU B 217 17.19 17.78 9.57
CA LEU B 217 17.36 18.65 10.72
C LEU B 217 18.25 19.83 10.32
N GLY B 218 17.82 21.05 10.63
CA GLY B 218 18.62 22.20 10.28
C GLY B 218 18.42 23.41 11.19
N THR B 219 19.47 24.22 11.31
CA THR B 219 19.43 25.41 12.14
C THR B 219 20.70 26.22 11.94
N ARG B 220 20.69 27.44 12.43
CA ARG B 220 21.87 28.28 12.37
C ARG B 220 22.22 28.71 13.79
N THR B 221 21.54 28.11 14.77
CA THR B 221 21.83 28.41 16.16
C THR B 221 22.83 27.38 16.64
N MET B 222 23.18 27.45 17.92
CA MET B 222 24.14 26.52 18.51
C MET B 222 23.80 25.06 18.23
N SER B 223 24.77 24.30 17.73
CA SER B 223 24.55 22.89 17.47
C SER B 223 24.50 22.11 18.76
N SER B 224 23.52 21.23 18.86
CA SER B 224 23.36 20.39 20.04
C SER B 224 22.95 19.03 19.52
N VAL B 225 23.19 17.99 20.30
CA VAL B 225 22.80 16.65 19.90
C VAL B 225 21.29 16.58 20.06
N VAL B 226 20.59 16.29 18.97
CA VAL B 226 19.13 16.18 19.00
C VAL B 226 18.76 14.70 18.94
N PRO B 227 18.41 14.11 20.09
CA PRO B 227 18.04 12.69 20.10
C PRO B 227 16.59 12.44 19.71
N ILE B 228 16.31 11.18 19.37
CA ILE B 228 14.97 10.73 19.05
C ILE B 228 14.83 9.53 19.98
N THR B 229 13.77 9.53 20.78
CA THR B 229 13.56 8.45 21.71
C THR B 229 12.23 7.76 21.46
N VAL B 230 12.24 6.44 21.63
CA VAL B 230 11.07 5.62 21.42
C VAL B 230 10.66 4.90 22.71
N SER B 231 9.40 5.06 23.10
CA SER B 231 8.88 4.39 24.28
C SER B 231 7.70 3.57 23.77
N ILE B 232 7.69 2.29 24.11
CA ILE B 232 6.63 1.40 23.66
C ILE B 232 5.99 0.61 24.79
N ALA B 233 4.66 0.65 24.86
CA ALA B 233 3.96 -0.07 25.89
C ALA B 233 3.05 -1.15 25.33
N PRO B 234 3.36 -2.43 25.60
CA PRO B 234 2.51 -3.51 25.09
C PRO B 234 1.13 -3.32 25.73
N MET B 235 0.07 -3.76 25.07
CA MET B 235 -1.27 -3.60 25.61
C MET B 235 -2.10 -4.86 25.50
N CYS B 236 -2.78 -5.21 26.60
CA CYS B 236 -3.61 -6.40 26.65
C CYS B 236 -2.80 -7.64 26.31
N CYS B 237 -1.65 -7.81 26.94
CA CYS B 237 -0.81 -8.97 26.68
C CYS B 237 -1.45 -10.26 27.16
N GLU B 238 -1.29 -11.31 26.36
CA GLU B 238 -1.77 -12.64 26.65
C GLU B 238 -0.68 -13.60 26.17
N PHE B 239 -0.49 -14.69 26.91
CA PHE B 239 0.52 -15.69 26.54
C PHE B 239 -0.04 -17.08 26.75
N ASN B 240 0.28 -17.98 25.82
CA ASN B 240 -0.18 -19.37 25.86
C ASN B 240 0.99 -20.28 25.52
N GLY B 241 0.83 -21.57 25.82
CA GLY B 241 1.88 -22.53 25.52
C GLY B 241 3.12 -22.38 26.38
N LEU B 242 2.92 -22.45 27.71
CA LEU B 242 4.02 -22.31 28.65
C LEU B 242 4.98 -23.50 28.63
N ARG B 243 6.27 -23.20 28.76
CA ARG B 243 7.33 -24.22 28.78
C ARG B 243 8.55 -23.56 29.39
N HIS B 244 9.74 -24.04 29.04
CA HIS B 244 10.97 -23.45 29.56
C HIS B 244 11.33 -22.25 28.68
N ALA B 245 12.27 -21.43 29.14
CA ALA B 245 12.67 -20.26 28.39
C ALA B 245 13.64 -20.56 27.25
N ILE B 246 13.42 -19.88 26.13
CA ILE B 246 14.27 -20.03 24.97
C ILE B 246 15.29 -18.89 24.97
N GLY C 1 -35.21 -34.62 -24.20
CA GLY C 1 -34.30 -33.57 -23.66
C GLY C 1 -34.73 -32.16 -24.05
N VAL C 2 -33.95 -31.18 -23.62
CA VAL C 2 -34.26 -29.79 -23.93
C VAL C 2 -33.57 -29.35 -25.22
N PRO C 3 -34.34 -28.84 -26.19
CA PRO C 3 -33.72 -28.39 -27.44
C PRO C 3 -32.95 -27.10 -27.18
N THR C 4 -31.70 -27.03 -27.63
CA THR C 4 -30.88 -25.86 -27.42
C THR C 4 -30.01 -25.54 -28.64
N TYR C 5 -29.31 -24.41 -28.57
CA TYR C 5 -28.40 -24.01 -29.64
C TYR C 5 -27.34 -23.11 -29.06
N LEU C 6 -26.11 -23.29 -29.51
CA LEU C 6 -24.99 -22.49 -29.03
C LEU C 6 -24.92 -21.13 -29.71
N LEU C 7 -24.70 -20.10 -28.90
CA LEU C 7 -24.60 -18.73 -29.39
C LEU C 7 -23.16 -18.35 -29.64
N PRO C 8 -22.95 -17.25 -30.40
CA PRO C 8 -21.57 -16.83 -30.64
C PRO C 8 -21.06 -16.51 -29.23
N GLY C 9 -19.76 -16.73 -28.98
CA GLY C 9 -19.24 -16.48 -27.64
C GLY C 9 -19.10 -17.79 -26.89
N SER C 10 -19.80 -18.83 -27.36
CA SER C 10 -19.75 -20.13 -26.72
C SER C 10 -18.34 -20.72 -26.75
N GLY C 11 -17.87 -21.20 -25.60
CA GLY C 11 -16.56 -21.80 -25.51
C GLY C 11 -15.41 -20.83 -25.27
N GLN C 12 -15.67 -19.52 -25.36
CA GLN C 12 -14.61 -18.55 -25.17
C GLN C 12 -14.27 -18.38 -23.69
N PHE C 13 -13.07 -17.86 -23.45
CA PHE C 13 -12.59 -17.59 -22.10
C PHE C 13 -12.33 -16.09 -22.01
N LEU C 14 -13.27 -15.36 -21.41
CA LEU C 14 -13.16 -13.92 -21.22
C LEU C 14 -12.63 -13.72 -19.80
N THR C 15 -11.47 -13.09 -19.68
CA THR C 15 -10.84 -12.89 -18.37
C THR C 15 -11.66 -12.08 -17.37
N THR C 16 -12.70 -11.41 -17.85
CA THR C 16 -13.55 -10.63 -16.97
C THR C 16 -14.93 -11.26 -16.79
N ASP C 17 -15.09 -12.52 -17.23
CA ASP C 17 -16.38 -13.17 -17.09
C ASP C 17 -16.69 -13.41 -15.63
N ASP C 18 -17.93 -13.73 -15.31
CA ASP C 18 -18.31 -13.95 -13.92
C ASP C 18 -19.29 -15.11 -13.78
N HIS C 19 -18.74 -16.31 -13.58
CA HIS C 19 -19.57 -17.50 -13.45
C HIS C 19 -19.08 -18.36 -12.29
N SER C 20 -19.91 -19.31 -11.88
CA SER C 20 -19.52 -20.23 -10.81
C SER C 20 -18.71 -21.32 -11.52
N SER C 21 -17.97 -22.10 -10.76
CA SER C 21 -17.18 -23.18 -11.35
C SER C 21 -16.97 -24.31 -10.36
N ALA C 22 -16.67 -25.49 -10.88
CA ALA C 22 -16.50 -26.68 -10.08
C ALA C 22 -15.52 -26.54 -8.91
N PRO C 23 -15.98 -26.86 -7.70
CA PRO C 23 -15.11 -26.77 -6.53
C PRO C 23 -14.10 -27.93 -6.54
N VAL C 24 -12.82 -27.60 -6.49
CA VAL C 24 -11.76 -28.61 -6.50
C VAL C 24 -11.81 -29.53 -5.29
N LEU C 25 -12.09 -28.96 -4.12
CA LEU C 25 -12.14 -29.71 -2.88
C LEU C 25 -13.53 -29.74 -2.29
N PRO C 26 -14.34 -30.75 -2.63
CA PRO C 26 -15.69 -30.82 -2.08
C PRO C 26 -15.72 -30.98 -0.56
N CYS C 27 -16.70 -30.33 0.06
CA CYS C 27 -16.89 -30.38 1.50
C CYS C 27 -15.77 -29.73 2.30
N PHE C 28 -14.99 -28.86 1.65
CA PHE C 28 -13.90 -28.17 2.32
C PHE C 28 -14.48 -27.11 3.25
N ASN C 29 -13.94 -27.00 4.45
CA ASN C 29 -14.39 -26.02 5.44
C ASN C 29 -13.32 -24.95 5.64
N PRO C 30 -13.48 -23.79 4.98
CA PRO C 30 -12.51 -22.70 5.10
C PRO C 30 -12.33 -22.23 6.55
N THR C 31 -11.14 -21.76 6.86
CA THR C 31 -10.84 -21.26 8.20
C THR C 31 -11.85 -20.18 8.58
N PRO C 32 -12.36 -20.22 9.83
CA PRO C 32 -13.33 -19.22 10.27
C PRO C 32 -12.78 -17.81 10.09
N GLU C 33 -13.65 -16.87 9.77
CA GLU C 33 -13.21 -15.49 9.61
C GLU C 33 -12.92 -14.94 10.99
N MET C 34 -12.00 -13.98 11.03
CA MET C 34 -11.62 -13.33 12.27
C MET C 34 -11.56 -11.85 11.98
N HIS C 35 -11.91 -11.01 12.95
CA HIS C 35 -11.85 -9.58 12.70
C HIS C 35 -10.39 -9.16 12.53
N ILE C 36 -10.13 -8.36 11.51
CA ILE C 36 -8.79 -7.86 11.24
C ILE C 36 -8.91 -6.36 10.98
N PRO C 37 -8.03 -5.57 11.60
CA PRO C 37 -8.08 -4.11 11.40
C PRO C 37 -7.76 -3.67 9.97
N GLY C 38 -8.31 -2.52 9.58
CA GLY C 38 -8.04 -1.97 8.27
C GLY C 38 -8.68 -2.58 7.03
N GLN C 39 -9.89 -3.11 7.15
CA GLN C 39 -10.51 -3.68 5.96
C GLN C 39 -10.87 -2.59 4.96
N ILE C 40 -10.56 -2.83 3.70
CA ILE C 40 -10.90 -1.87 2.66
C ILE C 40 -11.83 -2.56 1.68
N ARG C 41 -12.93 -1.91 1.36
CA ARG C 41 -13.92 -2.49 0.46
C ARG C 41 -14.04 -1.83 -0.91
N ASN C 42 -13.62 -0.57 -1.01
CA ASN C 42 -13.67 0.13 -2.29
C ASN C 42 -12.35 0.89 -2.44
N MET C 43 -11.71 0.74 -3.60
CA MET C 43 -10.43 1.42 -3.82
C MET C 43 -10.53 2.94 -3.66
N LEU C 44 -11.74 3.49 -3.74
CA LEU C 44 -11.90 4.92 -3.57
C LEU C 44 -11.53 5.34 -2.15
N GLU C 45 -11.58 4.39 -1.21
CA GLU C 45 -11.24 4.66 0.18
C GLU C 45 -9.74 4.94 0.30
N MET C 46 -8.95 4.22 -0.49
CA MET C 46 -7.51 4.35 -0.48
C MET C 46 -7.02 5.67 -1.06
N ILE C 47 -7.60 6.10 -2.19
CA ILE C 47 -7.17 7.34 -2.81
C ILE C 47 -7.58 8.61 -2.05
N GLN C 48 -8.40 8.46 -1.01
CA GLN C 48 -8.82 9.62 -0.23
C GLN C 48 -7.78 9.97 0.84
N VAL C 49 -6.76 9.12 0.98
CA VAL C 49 -5.69 9.37 1.94
C VAL C 49 -4.63 10.18 1.19
N GLU C 50 -4.19 11.29 1.76
CA GLU C 50 -3.20 12.10 1.07
C GLU C 50 -1.80 11.50 1.17
N SER C 51 -1.05 11.62 0.08
CA SER C 51 0.32 11.11 0.01
C SER C 51 1.21 12.16 -0.64
N MET C 52 2.51 12.03 -0.45
CA MET C 52 3.47 13.01 -0.93
C MET C 52 3.67 13.13 -2.43
N MET C 53 3.61 14.37 -2.93
CA MET C 53 3.84 14.66 -4.34
C MET C 53 5.34 14.83 -4.56
N GLU C 54 5.86 14.32 -5.67
CA GLU C 54 7.28 14.47 -5.96
C GLU C 54 7.44 15.74 -6.81
N ILE C 55 7.27 16.88 -6.17
CA ILE C 55 7.34 18.18 -6.83
C ILE C 55 8.73 18.53 -7.35
N ASN C 56 9.75 18.16 -6.59
CA ASN C 56 11.12 18.47 -7.00
C ASN C 56 11.73 17.33 -7.82
N ASN C 57 11.05 16.97 -8.91
CA ASN C 57 11.52 15.90 -9.77
C ASN C 57 12.47 16.50 -10.80
N THR C 58 13.65 16.90 -10.32
CA THR C 58 14.66 17.52 -11.17
C THR C 58 16.01 16.81 -11.08
N ASP C 59 16.82 16.96 -12.11
CA ASP C 59 18.14 16.35 -12.12
C ASP C 59 18.94 17.03 -11.02
N GLY C 60 19.60 16.23 -10.18
CA GLY C 60 20.37 16.81 -9.09
C GLY C 60 19.66 16.63 -7.76
N ALA C 61 18.38 16.27 -7.83
CA ALA C 61 17.60 16.01 -6.64
C ALA C 61 17.52 14.50 -6.54
N ASN C 62 18.07 13.94 -5.46
CA ASN C 62 18.07 12.49 -5.30
C ASN C 62 17.23 11.98 -4.16
N GLY C 63 16.53 10.87 -4.41
CA GLY C 63 15.70 10.27 -3.40
C GLY C 63 14.72 11.22 -2.75
N MET C 64 14.76 11.30 -1.44
CA MET C 64 13.84 12.15 -0.71
C MET C 64 13.94 13.66 -0.94
N GLU C 65 15.04 14.11 -1.52
CA GLU C 65 15.19 15.53 -1.81
C GLU C 65 14.09 15.91 -2.82
N ARG C 66 13.65 14.92 -3.59
CA ARG C 66 12.62 15.13 -4.61
C ARG C 66 11.23 15.31 -4.01
N LEU C 67 11.05 14.89 -2.76
CA LEU C 67 9.75 14.98 -2.10
C LEU C 67 9.51 16.28 -1.33
N ARG C 68 10.46 17.20 -1.37
CA ARG C 68 10.25 18.45 -0.66
C ARG C 68 10.66 19.62 -1.53
N VAL C 69 9.93 20.73 -1.40
CA VAL C 69 10.22 21.93 -2.17
C VAL C 69 10.81 22.95 -1.22
N ASP C 70 12.03 23.38 -1.49
CA ASP C 70 12.70 24.36 -0.64
C ASP C 70 12.41 25.78 -1.10
N ILE C 71 12.06 26.65 -0.14
CA ILE C 71 11.82 28.04 -0.47
C ILE C 71 12.79 28.86 0.36
N SER C 72 13.31 29.94 -0.21
CA SER C 72 14.26 30.78 0.49
C SER C 72 13.77 32.21 0.65
N VAL C 73 14.41 32.96 1.54
CA VAL C 73 14.07 34.35 1.74
C VAL C 73 14.39 35.03 0.41
N GLN C 74 13.41 35.72 -0.15
CA GLN C 74 13.58 36.39 -1.44
C GLN C 74 14.11 37.81 -1.33
N ALA C 75 14.72 38.28 -2.42
CA ALA C 75 15.25 39.64 -2.47
C ALA C 75 14.26 40.48 -3.29
N ASP C 76 13.50 39.82 -4.16
CA ASP C 76 12.52 40.52 -4.99
C ASP C 76 11.11 40.18 -4.53
N LEU C 77 10.13 40.91 -5.05
CA LEU C 77 8.74 40.71 -4.67
C LEU C 77 7.94 39.84 -5.64
N ASP C 78 6.82 39.34 -5.14
CA ASP C 78 5.89 38.50 -5.93
C ASP C 78 6.55 37.33 -6.67
N GLN C 79 7.61 36.77 -6.10
CA GLN C 79 8.31 35.67 -6.77
C GLN C 79 7.57 34.35 -6.95
N LEU C 80 7.77 33.76 -8.12
CA LEU C 80 7.21 32.45 -8.45
C LEU C 80 8.12 31.46 -7.74
N LEU C 81 7.54 30.52 -7.01
CA LEU C 81 8.33 29.54 -6.28
C LEU C 81 8.39 28.19 -6.99
N PHE C 82 7.25 27.76 -7.53
CA PHE C 82 7.19 26.49 -8.24
C PHE C 82 5.81 26.28 -8.83
N ASN C 83 5.70 25.33 -9.76
CA ASN C 83 4.41 25.01 -10.35
C ASN C 83 4.28 23.50 -10.38
N ILE C 84 3.08 22.99 -10.64
CA ILE C 84 2.87 21.55 -10.65
C ILE C 84 1.91 21.12 -11.75
N PRO C 85 2.34 20.22 -12.63
CA PRO C 85 1.44 19.75 -13.70
C PRO C 85 0.36 18.92 -13.00
N LEU C 86 -0.88 19.00 -13.47
CA LEU C 86 -1.99 18.30 -12.82
C LEU C 86 -2.60 17.02 -13.39
N ASP C 87 -2.00 16.43 -14.41
CA ASP C 87 -2.61 15.22 -14.95
C ASP C 87 -2.24 14.00 -14.12
N ILE C 88 -3.20 13.53 -13.31
CA ILE C 88 -2.97 12.37 -12.46
C ILE C 88 -2.86 11.09 -13.27
N GLN C 89 -3.00 11.21 -14.58
CA GLN C 89 -2.92 10.04 -15.46
C GLN C 89 -1.57 10.00 -16.20
N LEU C 90 -0.70 10.95 -15.92
CA LEU C 90 0.59 11.01 -16.59
C LEU C 90 1.76 11.09 -15.62
N ASP C 91 2.96 10.81 -16.10
CA ASP C 91 4.14 10.87 -15.24
C ASP C 91 4.38 12.32 -14.86
N GLY C 92 4.65 12.54 -13.58
CA GLY C 92 4.89 13.87 -13.08
C GLY C 92 4.79 13.81 -11.57
N PRO C 93 4.90 14.94 -10.88
CA PRO C 93 4.81 14.99 -9.41
C PRO C 93 3.64 14.23 -8.79
N LEU C 94 2.54 14.06 -9.51
CA LEU C 94 1.38 13.37 -8.97
C LEU C 94 1.28 11.87 -9.25
N ARG C 95 2.10 11.36 -10.16
CA ARG C 95 2.02 9.94 -10.51
C ARG C 95 2.25 8.93 -9.39
N ASN C 96 3.32 9.07 -8.61
CA ASN C 96 3.55 8.11 -7.54
C ASN C 96 2.91 8.51 -6.23
N THR C 97 1.59 8.62 -6.24
CA THR C 97 0.82 8.96 -5.05
C THR C 97 -0.26 7.90 -4.97
N LEU C 98 -0.97 7.85 -3.86
CA LEU C 98 -2.03 6.87 -3.72
C LEU C 98 -3.07 7.10 -4.82
N VAL C 99 -3.54 8.34 -4.94
CA VAL C 99 -4.53 8.66 -5.95
C VAL C 99 -3.98 8.44 -7.38
N GLY C 100 -2.74 8.89 -7.60
CA GLY C 100 -2.14 8.71 -8.91
C GLY C 100 -1.99 7.24 -9.30
N ASN C 101 -1.38 6.45 -8.41
CA ASN C 101 -1.17 5.03 -8.70
C ASN C 101 -2.45 4.25 -8.98
N ILE C 102 -3.46 4.43 -8.15
CA ILE C 102 -4.70 3.71 -8.34
C ILE C 102 -5.46 4.22 -9.55
N SER C 103 -5.45 5.52 -9.78
CA SER C 103 -6.14 6.09 -10.93
C SER C 103 -5.56 5.51 -12.22
N ARG C 104 -4.26 5.24 -12.21
CA ARG C 104 -3.62 4.71 -13.40
C ARG C 104 -3.96 3.25 -13.70
N TYR C 105 -4.84 2.66 -12.89
CA TYR C 105 -5.31 1.29 -13.13
C TYR C 105 -6.64 1.49 -13.84
N TYR C 106 -6.99 2.75 -14.07
CA TYR C 106 -8.24 3.11 -14.75
C TYR C 106 -7.96 4.09 -15.87
N THR C 107 -8.98 4.43 -16.64
CA THR C 107 -8.81 5.33 -17.78
C THR C 107 -9.61 6.63 -17.68
N HIS C 108 -10.75 6.57 -17.00
CA HIS C 108 -11.60 7.74 -16.84
C HIS C 108 -11.65 8.13 -15.37
N TRP C 109 -11.72 9.43 -15.10
CA TRP C 109 -11.81 9.89 -13.73
C TRP C 109 -12.62 11.17 -13.62
N SER C 110 -13.15 11.41 -12.42
CA SER C 110 -13.96 12.57 -12.16
C SER C 110 -13.95 12.83 -10.66
N GLY C 111 -13.96 14.10 -10.28
CA GLY C 111 -13.97 14.44 -8.86
C GLY C 111 -12.97 15.51 -8.49
N SER C 112 -13.12 16.06 -7.29
CA SER C 112 -12.23 17.09 -6.82
C SER C 112 -10.98 16.49 -6.19
N LEU C 113 -9.87 17.21 -6.33
CA LEU C 113 -8.60 16.80 -5.75
C LEU C 113 -8.28 17.82 -4.67
N GLU C 114 -7.44 17.44 -3.72
CA GLU C 114 -7.07 18.38 -2.67
C GLU C 114 -5.57 18.29 -2.47
N MET C 115 -4.90 19.44 -2.44
CA MET C 115 -3.48 19.48 -2.21
C MET C 115 -3.25 20.17 -0.88
N THR C 116 -2.50 19.50 -0.01
CA THR C 116 -2.21 20.06 1.29
C THR C 116 -0.70 20.24 1.41
N PHE C 117 -0.28 21.42 1.85
CA PHE C 117 1.13 21.68 2.02
C PHE C 117 1.46 21.93 3.48
N MET C 118 2.49 21.27 3.96
CA MET C 118 2.91 21.46 5.34
C MET C 118 4.24 22.20 5.33
N PHE C 119 4.28 23.34 6.03
CA PHE C 119 5.50 24.14 6.12
C PHE C 119 6.38 23.51 7.19
N CYS C 120 7.62 23.21 6.83
CA CYS C 120 8.55 22.57 7.77
C CYS C 120 9.77 23.41 8.15
N GLY C 121 9.61 24.72 8.17
CA GLY C 121 10.70 25.58 8.57
C GLY C 121 10.69 25.65 10.10
N SER C 122 11.48 26.53 10.69
CA SER C 122 11.52 26.64 12.14
C SER C 122 10.32 27.45 12.64
N PHE C 123 10.07 27.41 13.95
CA PHE C 123 8.96 28.14 14.54
C PHE C 123 9.09 29.64 14.33
N MET C 124 10.30 30.15 14.41
CA MET C 124 10.56 31.58 14.26
C MET C 124 10.42 32.07 12.81
N ALA C 125 10.21 31.15 11.88
CA ALA C 125 10.06 31.53 10.48
C ALA C 125 8.61 31.89 10.18
N THR C 126 8.39 32.95 9.39
CA THR C 126 7.04 33.35 9.04
C THR C 126 6.95 33.56 7.54
N GLY C 127 5.73 33.68 7.04
CA GLY C 127 5.55 33.91 5.62
C GLY C 127 4.14 33.70 5.15
N LYS C 128 3.85 34.23 3.97
CA LYS C 128 2.54 34.07 3.36
C LYS C 128 2.78 33.66 1.91
N LEU C 129 2.10 32.61 1.48
CA LEU C 129 2.22 32.11 0.11
C LEU C 129 0.83 32.11 -0.51
N ILE C 130 0.78 32.05 -1.83
CA ILE C 130 -0.50 31.97 -2.51
C ILE C 130 -0.43 30.77 -3.44
N LEU C 131 -1.39 29.86 -3.29
CA LEU C 131 -1.45 28.67 -4.11
C LEU C 131 -2.59 28.86 -5.09
N CYS C 132 -2.31 28.73 -6.37
CA CYS C 132 -3.32 28.95 -7.40
C CYS C 132 -3.58 27.77 -8.31
N TYR C 133 -4.86 27.53 -8.58
CA TYR C 133 -5.27 26.48 -9.49
C TYR C 133 -5.85 27.22 -10.69
N THR C 134 -5.26 26.99 -11.85
CA THR C 134 -5.70 27.63 -13.08
C THR C 134 -6.38 26.66 -14.03
N PRO C 135 -7.70 26.79 -14.21
CA PRO C 135 -8.41 25.88 -15.12
C PRO C 135 -7.71 25.94 -16.49
N PRO C 136 -7.79 24.86 -17.27
CA PRO C 136 -7.15 24.77 -18.59
C PRO C 136 -7.58 25.82 -19.61
N GLY C 137 -6.75 26.00 -20.64
CA GLY C 137 -7.07 26.96 -21.66
C GLY C 137 -5.86 27.58 -22.31
N GLY C 138 -4.91 28.04 -21.49
CA GLY C 138 -3.72 28.66 -22.04
C GLY C 138 -2.43 28.17 -21.43
N SER C 139 -1.40 29.01 -21.52
CA SER C 139 -0.10 28.69 -20.96
C SER C 139 -0.16 28.86 -19.45
N CYS C 140 0.72 28.17 -18.76
CA CYS C 140 0.77 28.27 -17.31
C CYS C 140 1.18 29.68 -16.91
N PRO C 141 0.45 30.30 -15.97
CA PRO C 141 0.80 31.66 -15.55
C PRO C 141 2.20 31.73 -14.92
N THR C 142 2.92 32.81 -15.20
CA THR C 142 4.27 32.99 -14.69
C THR C 142 4.40 34.19 -13.76
N THR C 143 3.29 34.91 -13.54
CA THR C 143 3.29 36.06 -12.65
C THR C 143 2.13 35.91 -11.69
N ARG C 144 2.29 36.41 -10.47
CA ARG C 144 1.25 36.30 -9.47
C ARG C 144 -0.03 37.01 -9.87
N GLU C 145 0.11 38.15 -10.53
CA GLU C 145 -1.04 38.95 -10.97
C GLU C 145 -1.93 38.18 -11.95
N THR C 146 -1.36 37.19 -12.62
CA THR C 146 -2.12 36.38 -13.55
C THR C 146 -2.66 35.14 -12.84
N ALA C 147 -1.81 34.49 -12.06
CA ALA C 147 -2.20 33.28 -11.33
C ALA C 147 -3.35 33.57 -10.36
N MET C 148 -3.23 34.72 -9.70
CA MET C 148 -4.19 35.19 -8.71
C MET C 148 -5.64 35.27 -9.22
N LEU C 149 -5.80 35.29 -10.55
CA LEU C 149 -7.13 35.36 -11.15
C LEU C 149 -7.88 34.02 -11.14
N GLY C 150 -7.16 32.94 -10.84
CA GLY C 150 -7.79 31.63 -10.79
C GLY C 150 -8.20 31.26 -9.37
N THR C 151 -8.53 29.98 -9.17
CA THR C 151 -8.92 29.48 -7.86
C THR C 151 -7.67 29.52 -6.99
N HIS C 152 -7.79 30.04 -5.77
CA HIS C 152 -6.62 30.09 -4.92
C HIS C 152 -6.87 30.22 -3.43
N ILE C 153 -5.81 30.04 -2.67
CA ILE C 153 -5.85 30.16 -1.21
C ILE C 153 -4.56 30.89 -0.79
N VAL C 154 -4.71 31.93 0.01
CA VAL C 154 -3.56 32.66 0.52
C VAL C 154 -3.26 32.00 1.85
N TRP C 155 -2.04 31.48 1.96
CA TRP C 155 -1.60 30.75 3.14
C TRP C 155 -0.70 31.55 4.09
N ASP C 156 -1.10 31.63 5.35
CA ASP C 156 -0.33 32.34 6.37
C ASP C 156 0.32 31.30 7.29
N PHE C 157 1.65 31.28 7.35
CA PHE C 157 2.33 30.32 8.21
C PHE C 157 2.02 30.63 9.67
N GLY C 158 1.81 29.58 10.47
CA GLY C 158 1.50 29.77 11.87
C GLY C 158 1.32 28.46 12.61
N LEU C 159 0.65 28.50 13.76
CA LEU C 159 0.41 27.30 14.56
C LEU C 159 -0.12 26.16 13.71
N GLN C 160 -1.17 26.39 12.94
CA GLN C 160 -1.68 25.34 12.05
C GLN C 160 -0.61 25.32 10.96
N SER C 161 0.12 24.22 10.86
CA SER C 161 1.21 24.09 9.90
C SER C 161 0.86 23.87 8.45
N SER C 162 -0.35 23.42 8.17
CA SER C 162 -0.73 23.09 6.80
C SER C 162 -1.91 23.82 6.21
N ILE C 163 -1.86 23.99 4.90
CA ILE C 163 -2.93 24.65 4.16
C ILE C 163 -3.44 23.69 3.09
N THR C 164 -4.71 23.81 2.74
CA THR C 164 -5.27 22.96 1.71
C THR C 164 -5.80 23.78 0.53
N LEU C 165 -5.41 23.40 -0.66
CA LEU C 165 -5.89 24.03 -1.87
C LEU C 165 -6.82 23.01 -2.51
N ILE C 166 -8.09 23.34 -2.64
CA ILE C 166 -9.01 22.42 -3.28
C ILE C 166 -8.97 22.65 -4.78
N ILE C 167 -8.81 21.58 -5.54
CA ILE C 167 -8.82 21.67 -6.99
C ILE C 167 -10.19 21.08 -7.30
N PRO C 168 -11.21 21.94 -7.33
CA PRO C 168 -12.58 21.51 -7.61
C PRO C 168 -12.74 20.89 -8.99
N TRP C 169 -13.65 19.94 -9.11
CA TRP C 169 -13.89 19.31 -10.39
C TRP C 169 -14.53 20.35 -11.31
N ILE C 170 -13.75 20.85 -12.26
CA ILE C 170 -14.25 21.82 -13.22
C ILE C 170 -13.91 21.24 -14.57
N SER C 171 -14.93 20.67 -15.20
CA SER C 171 -14.80 20.03 -16.50
C SER C 171 -16.10 20.15 -17.27
N GLY C 172 -16.00 20.19 -18.59
CA GLY C 172 -17.21 20.29 -19.39
C GLY C 172 -17.89 18.94 -19.42
N SER C 173 -17.10 17.89 -19.61
CA SER C 173 -17.59 16.52 -19.65
C SER C 173 -17.67 15.91 -18.25
N HIS C 174 -18.50 14.89 -18.09
CA HIS C 174 -18.63 14.22 -16.81
C HIS C 174 -17.30 13.65 -16.33
N TYR C 175 -16.53 13.09 -17.26
CA TYR C 175 -15.24 12.50 -16.93
C TYR C 175 -14.14 13.02 -17.82
N ARG C 176 -12.91 12.90 -17.33
CA ARG C 176 -11.72 13.26 -18.10
C ARG C 176 -11.13 11.89 -18.37
N MET C 177 -10.27 11.78 -19.37
CA MET C 177 -9.69 10.50 -19.68
C MET C 177 -8.24 10.61 -20.07
N PHE C 178 -7.54 9.48 -19.99
CA PHE C 178 -6.15 9.43 -20.39
C PHE C 178 -6.11 8.88 -21.82
N ASN C 179 -5.21 9.41 -22.65
CA ASN C 179 -5.08 8.91 -24.01
C ASN C 179 -3.67 9.23 -24.51
N SER C 180 -2.78 9.43 -23.53
CA SER C 180 -1.38 9.74 -23.77
C SER C 180 -1.15 11.06 -24.52
N ASP C 181 -2.10 11.97 -24.42
CA ASP C 181 -1.99 13.29 -25.04
C ASP C 181 -2.30 14.30 -23.95
N ALA C 182 -1.25 14.81 -23.32
CA ALA C 182 -1.41 15.76 -22.23
C ALA C 182 -2.13 17.04 -22.61
N LYS C 183 -2.14 17.39 -23.88
CA LYS C 183 -2.80 18.62 -24.32
C LYS C 183 -4.22 18.45 -24.83
N SER C 184 -4.74 17.25 -24.71
CA SER C 184 -6.10 16.93 -25.15
C SER C 184 -7.12 17.69 -24.30
N THR C 185 -8.22 18.14 -24.91
CA THR C 185 -9.23 18.86 -24.15
C THR C 185 -9.99 17.95 -23.20
N ASN C 186 -9.78 16.65 -23.32
CA ASN C 186 -10.44 15.69 -22.44
C ASN C 186 -9.50 15.19 -21.35
N ALA C 187 -8.29 15.75 -21.30
CA ALA C 187 -7.31 15.31 -20.32
C ALA C 187 -6.72 16.40 -19.45
N ASN C 188 -6.29 17.49 -20.08
CA ASN C 188 -5.66 18.60 -19.37
C ASN C 188 -6.54 19.20 -18.27
N VAL C 189 -6.00 19.20 -17.05
CA VAL C 189 -6.72 19.70 -15.88
C VAL C 189 -6.42 21.18 -15.56
N GLY C 190 -5.32 21.69 -16.11
CA GLY C 190 -4.95 23.06 -15.83
C GLY C 190 -3.63 23.08 -15.09
N TYR C 191 -3.38 24.12 -14.29
CA TYR C 191 -2.11 24.20 -13.57
C TYR C 191 -2.25 24.62 -12.12
N VAL C 192 -1.20 24.36 -11.35
CA VAL C 192 -1.13 24.79 -9.97
C VAL C 192 0.20 25.52 -9.88
N THR C 193 0.18 26.75 -9.37
CA THR C 193 1.39 27.54 -9.23
C THR C 193 1.46 28.07 -7.82
N CYS C 194 2.66 28.35 -7.34
CA CYS C 194 2.84 28.88 -6.01
C CYS C 194 3.77 30.08 -6.03
N PHE C 195 3.31 31.20 -5.49
CA PHE C 195 4.10 32.42 -5.42
C PHE C 195 4.16 32.90 -3.98
N MET C 196 5.10 33.80 -3.71
CA MET C 196 5.20 34.40 -2.40
C MET C 196 4.04 35.41 -2.36
N GLN C 197 3.28 35.45 -1.28
CA GLN C 197 2.22 36.45 -1.18
C GLN C 197 2.97 37.66 -0.62
N THR C 198 3.87 37.39 0.35
CA THR C 198 4.73 38.41 0.94
C THR C 198 6.17 37.90 0.75
N ASN C 199 6.69 37.22 1.76
CA ASN C 199 8.05 36.68 1.68
C ASN C 199 8.30 35.76 2.87
N LEU C 200 9.30 34.87 2.74
CA LEU C 200 9.68 33.98 3.84
C LEU C 200 10.61 34.84 4.67
N ILE C 201 10.28 35.06 5.94
CA ILE C 201 11.12 35.89 6.79
C ILE C 201 11.53 35.15 8.06
N VAL C 202 12.84 35.07 8.29
CA VAL C 202 13.37 34.36 9.44
C VAL C 202 14.49 35.12 10.15
N PRO C 203 14.69 34.87 11.45
CA PRO C 203 15.75 35.54 12.19
C PRO C 203 17.11 34.91 11.88
N SER C 204 18.19 35.55 12.32
CA SER C 204 19.54 35.07 12.06
C SER C 204 19.83 33.62 12.38
N GLU C 205 19.25 33.09 13.46
CA GLU C 205 19.54 31.72 13.84
C GLU C 205 18.64 30.63 13.28
N SER C 206 17.64 31.02 12.50
CA SER C 206 16.76 30.03 11.87
C SER C 206 17.39 29.81 10.50
N SER C 207 17.13 28.66 9.90
CA SER C 207 17.67 28.39 8.57
C SER C 207 16.96 29.37 7.64
N ASP C 208 17.67 29.90 6.64
CA ASP C 208 17.03 30.83 5.72
C ASP C 208 16.45 30.12 4.50
N THR C 209 16.50 28.80 4.51
CA THR C 209 15.94 28.00 3.44
C THR C 209 15.09 26.96 4.14
N CYS C 210 13.80 26.93 3.83
CA CYS C 210 12.87 26.02 4.46
C CYS C 210 12.19 25.13 3.42
N SER C 211 11.69 23.99 3.87
CA SER C 211 11.04 23.05 2.97
C SER C 211 9.53 22.93 3.18
N LEU C 212 8.85 22.61 2.10
CA LEU C 212 7.41 22.38 2.11
C LEU C 212 7.26 20.94 1.66
N ILE C 213 6.25 20.25 2.16
CA ILE C 213 5.97 18.90 1.71
C ILE C 213 4.55 18.99 1.18
N GLY C 214 4.37 18.65 -0.08
CA GLY C 214 3.04 18.71 -0.67
C GLY C 214 2.40 17.35 -0.73
N PHE C 215 1.12 17.30 -0.36
CA PHE C 215 0.36 16.05 -0.39
C PHE C 215 -0.84 16.23 -1.30
N ILE C 216 -1.36 15.14 -1.83
CA ILE C 216 -2.54 15.21 -2.67
C ILE C 216 -3.43 14.00 -2.41
N ALA C 217 -4.72 14.19 -2.60
CA ALA C 217 -5.69 13.12 -2.38
C ALA C 217 -7.00 13.47 -3.08
N ALA C 218 -7.83 12.46 -3.29
CA ALA C 218 -9.11 12.67 -3.92
C ALA C 218 -10.14 12.94 -2.83
N LYS C 219 -11.22 13.64 -3.17
CA LYS C 219 -12.29 13.90 -2.21
C LYS C 219 -13.31 12.79 -2.44
N ASP C 220 -14.34 12.69 -1.60
CA ASP C 220 -15.31 11.62 -1.78
C ASP C 220 -16.30 11.84 -2.94
N ASP C 221 -16.02 12.81 -3.79
CA ASP C 221 -16.88 13.03 -4.95
C ASP C 221 -16.15 12.46 -6.18
N PHE C 222 -15.13 11.66 -5.92
CA PHE C 222 -14.31 11.04 -6.96
C PHE C 222 -14.92 9.77 -7.53
N SER C 223 -14.57 9.46 -8.77
CA SER C 223 -15.07 8.26 -9.46
C SER C 223 -14.06 7.86 -10.53
N LEU C 224 -13.77 6.56 -10.62
CA LEU C 224 -12.83 6.04 -11.62
C LEU C 224 -13.51 4.99 -12.47
N ARG C 225 -13.22 4.98 -13.78
CA ARG C 225 -13.84 4.00 -14.66
C ARG C 225 -12.88 3.40 -15.68
N LEU C 226 -13.31 2.29 -16.28
CA LEU C 226 -12.58 1.58 -17.33
C LEU C 226 -11.20 1.11 -16.91
N MET C 227 -11.18 -0.02 -16.24
CA MET C 227 -9.95 -0.62 -15.73
C MET C 227 -8.99 -1.05 -16.84
N ARG C 228 -7.70 -0.85 -16.60
CA ARG C 228 -6.66 -1.20 -17.55
C ARG C 228 -5.40 -1.62 -16.80
N ASP C 229 -4.50 -2.30 -17.50
CA ASP C 229 -3.24 -2.71 -16.90
C ASP C 229 -2.48 -1.43 -16.57
N SER C 230 -1.80 -1.41 -15.43
CA SER C 230 -1.04 -0.23 -15.04
C SER C 230 0.26 -0.10 -15.84
N PRO C 231 0.60 1.13 -16.25
CA PRO C 231 1.81 1.42 -17.02
C PRO C 231 3.02 1.52 -16.09
N ASP C 232 2.77 1.52 -14.79
CA ASP C 232 3.83 1.66 -13.81
C ASP C 232 4.64 0.41 -13.45
N ILE C 233 4.30 -0.72 -14.06
CA ILE C 233 5.03 -1.95 -13.77
C ILE C 233 5.08 -2.78 -15.06
N GLY C 234 6.19 -3.48 -15.27
CA GLY C 234 6.33 -4.31 -16.46
C GLY C 234 7.53 -5.23 -16.38
N GLN C 235 7.56 -6.23 -17.25
CA GLN C 235 8.67 -7.17 -17.27
C GLN C 235 8.95 -7.62 -18.69
N SER C 236 10.21 -7.94 -18.97
CA SER C 236 10.58 -8.39 -20.31
C SER C 236 11.19 -9.78 -20.21
N ASN C 237 11.51 -10.20 -19.00
CA ASN C 237 12.09 -11.51 -18.76
C ASN C 237 11.38 -12.17 -17.59
N HIS C 238 11.77 -13.39 -17.28
CA HIS C 238 11.22 -14.13 -16.15
C HIS C 238 11.92 -13.56 -14.93
N LEU C 239 11.20 -13.43 -13.82
CA LEU C 239 11.84 -12.93 -12.62
C LEU C 239 12.74 -14.03 -12.11
N HIS C 240 13.76 -13.65 -11.34
CA HIS C 240 14.67 -14.63 -10.77
C HIS C 240 13.85 -15.58 -9.92
N GLY C 241 14.14 -16.86 -10.00
CA GLY C 241 13.41 -17.85 -9.21
C GLY C 241 12.12 -18.38 -9.79
N ALA C 242 11.60 -17.71 -10.81
CA ALA C 242 10.35 -18.13 -11.43
C ALA C 242 10.45 -19.53 -11.99
N GLU C 243 11.51 -19.83 -12.72
CA GLU C 243 11.69 -21.15 -13.31
C GLU C 243 11.93 -22.21 -12.25
N ALA C 244 12.51 -21.82 -11.13
CA ALA C 244 12.79 -22.77 -10.05
C ALA C 244 11.49 -23.33 -9.47
N ALA C 245 10.38 -22.63 -9.70
CA ALA C 245 9.09 -23.07 -9.20
C ALA C 245 8.67 -24.36 -9.92
N TYR C 246 9.38 -24.67 -11.00
CA TYR C 246 9.11 -25.86 -11.79
C TYR C 246 10.14 -26.95 -11.51
N GLN C 247 11.08 -26.66 -10.62
CA GLN C 247 12.10 -27.63 -10.27
C GLN C 247 11.90 -28.17 -8.86
N ASN D 30 -26.20 -20.75 -8.17
CA ASN D 30 -25.07 -21.71 -7.96
C ASN D 30 -25.60 -23.14 -7.84
N PHE D 31 -25.33 -23.96 -8.86
CA PHE D 31 -25.79 -25.35 -8.86
C PHE D 31 -24.82 -26.30 -8.20
N TYR D 32 -23.69 -25.76 -7.73
CA TYR D 32 -22.70 -26.58 -7.05
C TYR D 32 -23.07 -26.66 -5.56
N LYS D 33 -22.62 -27.71 -4.90
CA LYS D 33 -22.95 -27.91 -3.50
C LYS D 33 -22.07 -27.09 -2.53
N ASP D 34 -20.89 -26.70 -2.98
CA ASP D 34 -19.99 -25.90 -2.15
C ASP D 34 -20.19 -24.42 -2.46
N SER D 35 -20.52 -23.64 -1.45
CA SER D 35 -20.78 -22.22 -1.67
C SER D 35 -19.61 -21.43 -2.22
N TYR D 36 -18.38 -21.87 -1.97
CA TYR D 36 -17.23 -21.13 -2.46
C TYR D 36 -17.07 -21.22 -3.98
N ALA D 37 -17.88 -22.06 -4.62
CA ALA D 37 -17.83 -22.23 -6.06
C ALA D 37 -18.67 -21.18 -6.79
N ALA D 38 -19.49 -20.46 -6.05
CA ALA D 38 -20.37 -19.43 -6.59
C ALA D 38 -19.66 -18.33 -7.38
N SER D 39 -20.44 -17.60 -8.17
CA SER D 39 -19.88 -16.50 -8.96
C SER D 39 -19.50 -15.37 -7.99
N ALA D 40 -18.87 -14.33 -8.51
CA ALA D 40 -18.43 -13.21 -7.69
C ALA D 40 -19.53 -12.51 -6.90
N SER D 41 -19.12 -11.84 -5.84
CA SER D 41 -20.05 -11.09 -5.00
C SER D 41 -19.66 -9.61 -5.09
N LYS D 42 -20.32 -8.91 -6.01
CA LYS D 42 -20.05 -7.49 -6.27
C LYS D 42 -21.13 -6.57 -5.70
N GLN D 43 -21.61 -6.88 -4.49
CA GLN D 43 -22.67 -6.08 -3.93
C GLN D 43 -22.34 -5.42 -2.59
N ASP D 44 -21.07 -5.47 -2.17
CA ASP D 44 -20.70 -4.87 -0.88
C ASP D 44 -20.31 -3.40 -1.05
N PHE D 45 -21.30 -2.51 -0.92
CA PHE D 45 -21.09 -1.08 -1.08
C PHE D 45 -20.80 -0.29 0.20
N SER D 46 -20.54 -0.97 1.31
CA SER D 46 -20.26 -0.23 2.54
C SER D 46 -18.80 0.21 2.56
N GLN D 47 -18.56 1.38 3.14
CA GLN D 47 -17.23 1.97 3.21
C GLN D 47 -17.03 2.66 4.54
N ASP D 48 -15.77 2.94 4.86
CA ASP D 48 -15.40 3.67 6.06
C ASP D 48 -13.99 4.23 5.87
N PRO D 49 -13.85 5.23 4.98
CA PRO D 49 -12.57 5.85 4.66
C PRO D 49 -11.85 6.41 5.90
N SER D 50 -12.64 6.85 6.87
CA SER D 50 -12.10 7.45 8.09
C SER D 50 -11.08 6.56 8.81
N LYS D 51 -11.15 5.25 8.61
CA LYS D 51 -10.19 4.41 9.29
C LYS D 51 -8.80 4.64 8.71
N PHE D 52 -8.76 5.22 7.51
CA PHE D 52 -7.49 5.54 6.84
C PHE D 52 -7.25 7.05 6.78
N THR D 53 -8.32 7.83 6.57
CA THR D 53 -8.21 9.28 6.46
C THR D 53 -8.22 10.06 7.78
N GLU D 54 -8.95 9.56 8.78
CA GLU D 54 -9.02 10.23 10.08
C GLU D 54 -8.94 9.28 11.25
N PRO D 55 -7.81 8.56 11.39
CA PRO D 55 -7.67 7.62 12.50
C PRO D 55 -7.27 8.30 13.81
N VAL D 56 -7.61 9.58 13.95
CA VAL D 56 -7.26 10.30 15.18
C VAL D 56 -8.32 10.09 16.24
N VAL D 57 -7.86 9.93 17.48
CA VAL D 57 -8.73 9.69 18.63
C VAL D 57 -9.75 10.79 18.88
N GLU D 58 -9.37 12.03 18.62
CA GLU D 58 -10.28 13.15 18.84
C GLU D 58 -10.80 13.65 17.50
N GLY D 59 -12.11 13.56 17.31
CA GLY D 59 -12.73 14.02 16.08
C GLY D 59 -12.44 15.47 15.76
N LEU D 60 -12.11 15.74 14.49
CA LEU D 60 -11.80 17.09 14.04
C LEU D 60 -13.06 17.77 13.51
N LYS D 61 -13.27 19.03 13.92
CA LYS D 61 -14.44 19.79 13.50
C LYS D 61 -14.28 20.44 12.12
N ALA D 62 -15.40 20.93 11.59
CA ALA D 62 -15.44 21.56 10.27
C ALA D 62 -14.36 22.61 10.01
N GLY D 63 -14.49 23.78 10.62
CA GLY D 63 -13.51 24.84 10.41
C GLY D 63 -12.73 25.27 11.63
N ALA D 64 -12.86 24.53 12.73
CA ALA D 64 -12.16 24.85 13.96
C ALA D 64 -10.69 24.42 13.88
N PRO D 65 -9.80 25.20 14.50
CA PRO D 65 -8.36 24.88 14.47
C PRO D 65 -8.09 23.45 14.92
N VAL D 66 -7.38 22.69 14.08
CA VAL D 66 -7.06 21.31 14.38
C VAL D 66 -6.20 21.21 15.65
N LEU D 67 -5.43 22.27 15.93
CA LEU D 67 -4.58 22.31 17.11
C LEU D 67 -4.92 23.53 17.96
C2 BGC E . 6.35 9.85 -24.93
C3 BGC E . 7.10 10.59 -23.82
C4 BGC E . 8.39 9.81 -23.47
C5 BGC E . 9.25 9.71 -24.75
C6 BGC E . 10.54 8.92 -24.44
C1 BGC E . 7.27 9.73 -26.16
O1 BGC E . 6.59 9.03 -27.21
O2 BGC E . 5.15 10.56 -25.29
O3 BGC E . 6.26 10.71 -22.66
O4 BGC E . 9.11 10.52 -22.42
O5 BGC E . 8.52 9.03 -25.81
O6 BGC E . 11.34 8.84 -25.62
C1 GAL E . 9.19 9.75 -21.19
C2 GAL E . 9.98 10.56 -20.15
C3 GAL E . 10.06 9.76 -18.85
C4 GAL E . 8.65 9.44 -18.35
C5 GAL E . 7.89 8.66 -19.45
C6 GAL E . 6.44 8.35 -19.01
O2 GAL E . 11.30 10.86 -20.65
O3 GAL E . 10.79 10.50 -17.85
O4 GAL E . 7.97 10.68 -18.03
O5 GAL E . 7.85 9.43 -20.69
O6 GAL E . 6.38 7.85 -17.65
C1 SIA E . 4.62 6.22 -18.17
C2 SIA E . 6.05 6.44 -17.50
C3 SIA E . 6.03 6.08 -16.00
C4 SIA E . 5.91 4.56 -15.82
C5 SIA E . 7.05 3.83 -16.56
C6 SIA E . 7.00 4.21 -18.06
C7 SIA E . 8.16 3.53 -18.83
C8 SIA E . 8.22 4.06 -20.29
C9 SIA E . 9.35 3.37 -21.06
C10 SIA E . 7.92 1.53 -16.03
C11 SIA E . 7.51 0.06 -15.91
N5 SIA E . 6.90 2.36 -16.39
O1A SIA E . 4.53 5.45 -19.16
O1B SIA E . 3.66 6.83 -17.66
O4 SIA E . 5.91 4.23 -14.41
O6 SIA E . 7.12 5.67 -18.17
O7 SIA E . 9.43 3.79 -18.19
O8 SIA E . 6.96 3.82 -20.95
O9 SIA E . 9.30 3.73 -22.44
O10 SIA E . 9.07 1.89 -15.81
#